data_2LOJ
#
_entry.id   2LOJ
#
_entity_poly.entity_id   1
_entity_poly.type   'polypeptide(L)'
_entity_poly.pdbx_seq_one_letter_code
;MSRMDNTELPHPKEIDNETLLPAAERRVNSQALLGPDGKVIIDHNGQEYLLRKTQAGKLLLTK
;
_entity_poly.pdbx_strand_id   A
#
# COMPACT_ATOMS: atom_id res chain seq x y z
N MET A 1 -7.26 -41.94 35.11
CA MET A 1 -7.19 -40.88 34.08
C MET A 1 -7.51 -39.52 34.74
N SER A 2 -6.47 -38.79 35.15
CA SER A 2 -6.60 -37.46 35.79
C SER A 2 -6.79 -36.36 34.74
N ARG A 3 -7.28 -35.19 35.18
CA ARG A 3 -7.47 -34.02 34.32
C ARG A 3 -6.13 -33.29 34.09
N MET A 4 -5.86 -32.88 32.84
CA MET A 4 -4.79 -31.92 32.53
C MET A 4 -5.41 -30.51 32.48
N ASP A 5 -4.70 -29.52 33.02
CA ASP A 5 -5.24 -28.17 33.28
C ASP A 5 -5.59 -27.42 31.98
N ASN A 6 -6.90 -27.23 31.76
CA ASN A 6 -7.45 -26.36 30.69
C ASN A 6 -7.47 -24.90 31.19
N THR A 7 -7.59 -23.96 30.21
CA THR A 7 -7.43 -22.50 30.42
C THR A 7 -5.92 -22.16 30.61
N GLU A 8 -5.37 -21.41 29.66
CA GLU A 8 -3.93 -21.11 29.59
C GLU A 8 -3.71 -19.65 29.14
N LEU A 9 -2.43 -19.30 28.87
CA LEU A 9 -2.05 -17.97 28.35
C LEU A 9 -2.51 -17.84 26.88
N PRO A 10 -3.08 -16.66 26.46
CA PRO A 10 -3.62 -16.46 25.09
C PRO A 10 -2.52 -16.42 24.00
N HIS A 11 -2.96 -16.48 22.73
CA HIS A 11 -2.06 -16.40 21.56
C HIS A 11 -1.48 -14.97 21.40
N PRO A 12 -0.32 -14.81 20.67
CA PRO A 12 0.32 -13.47 20.42
C PRO A 12 -0.65 -12.38 19.93
N LYS A 13 -0.51 -11.17 20.52
CA LYS A 13 -1.31 -9.99 20.17
C LYS A 13 -0.54 -9.12 19.14
N GLU A 14 -1.29 -8.25 18.42
CA GLU A 14 -0.71 -7.24 17.52
C GLU A 14 0.01 -6.15 18.36
N ILE A 15 1.33 -6.31 18.54
CA ILE A 15 2.20 -5.35 19.27
C ILE A 15 3.26 -4.76 18.29
N ASP A 16 2.92 -4.80 16.99
CA ASP A 16 3.75 -4.25 15.89
C ASP A 16 2.83 -3.63 14.84
N ASN A 17 3.22 -2.46 14.29
CA ASN A 17 2.36 -1.66 13.37
C ASN A 17 3.19 -1.05 12.22
N GLU A 18 4.26 -1.76 11.78
CA GLU A 18 4.99 -1.36 10.56
C GLU A 18 4.13 -1.68 9.32
N THR A 19 3.67 -0.63 8.63
CA THR A 19 2.74 -0.75 7.49
C THR A 19 3.51 -1.01 6.19
N LEU A 20 2.97 -1.88 5.32
CA LEU A 20 3.55 -2.17 4.00
C LEU A 20 3.42 -0.94 3.09
N LEU A 21 4.38 -0.81 2.18
CA LEU A 21 4.48 0.33 1.25
C LEU A 21 3.63 0.04 -0.01
N PRO A 22 3.09 1.11 -0.71
CA PRO A 22 2.26 0.94 -1.94
C PRO A 22 2.95 0.10 -3.04
N ALA A 23 2.14 -0.58 -3.89
CA ALA A 23 2.63 -1.37 -5.03
C ALA A 23 3.41 -0.47 -6.02
N ALA A 24 2.96 0.79 -6.11
CA ALA A 24 3.64 1.85 -6.87
C ALA A 24 3.12 3.22 -6.39
N GLU A 25 3.94 4.25 -6.59
CA GLU A 25 3.58 5.66 -6.27
C GLU A 25 3.38 6.45 -7.57
N ARG A 26 3.07 5.73 -8.67
CA ARG A 26 2.91 6.31 -10.01
C ARG A 26 1.44 6.76 -10.24
N ARG A 27 1.18 8.06 -10.01
CA ARG A 27 -0.14 8.65 -10.29
C ARG A 27 -0.28 8.95 -11.80
N VAL A 28 -0.81 7.95 -12.54
CA VAL A 28 -1.21 8.12 -13.95
C VAL A 28 -2.73 8.24 -14.03
N ASN A 29 -3.22 8.92 -15.07
CA ASN A 29 -4.66 9.15 -15.30
C ASN A 29 -5.44 7.82 -15.49
N SER A 30 -6.76 7.88 -15.21
CA SER A 30 -7.69 6.74 -15.22
C SER A 30 -7.56 5.77 -16.42
N GLN A 31 -7.34 6.29 -17.65
CA GLN A 31 -7.29 5.44 -18.88
C GLN A 31 -6.10 4.45 -18.83
N ALA A 32 -5.04 4.85 -18.10
CA ALA A 32 -3.82 4.03 -17.91
C ALA A 32 -3.86 3.31 -16.53
N LEU A 33 -5.09 2.97 -16.07
CA LEU A 33 -5.37 2.28 -14.78
C LEU A 33 -4.49 1.03 -14.52
N LEU A 34 -4.04 0.38 -15.61
CA LEU A 34 -3.08 -0.74 -15.53
C LEU A 34 -1.96 -0.51 -16.56
N GLY A 35 -2.38 -0.28 -17.81
CA GLY A 35 -1.47 -0.20 -18.95
C GLY A 35 -0.76 -1.52 -19.20
N PRO A 36 0.53 -1.50 -19.68
CA PRO A 36 1.38 -2.72 -19.72
C PRO A 36 2.14 -2.96 -18.38
N ASP A 37 1.96 -2.02 -17.41
CA ASP A 37 2.65 -2.06 -16.12
C ASP A 37 1.95 -3.03 -15.15
N GLY A 38 0.66 -2.76 -14.86
CA GLY A 38 -0.17 -3.62 -14.03
C GLY A 38 -0.43 -3.09 -12.62
N LYS A 39 0.49 -2.28 -12.07
CA LYS A 39 0.36 -1.74 -10.69
C LYS A 39 0.69 -0.24 -10.64
N VAL A 40 -0.35 0.61 -10.71
CA VAL A 40 -0.21 2.09 -10.72
C VAL A 40 -1.35 2.73 -9.94
N ILE A 41 -1.16 3.98 -9.52
CA ILE A 41 -2.20 4.78 -8.87
C ILE A 41 -3.02 5.55 -9.94
N ILE A 42 -4.34 5.34 -9.90
CA ILE A 42 -5.32 5.93 -10.81
C ILE A 42 -5.65 7.36 -10.36
N ASP A 43 -5.36 8.32 -11.23
CA ASP A 43 -5.68 9.73 -11.04
C ASP A 43 -7.00 10.00 -11.77
N HIS A 44 -8.06 10.22 -10.98
CA HIS A 44 -9.44 10.38 -11.48
C HIS A 44 -10.34 10.98 -10.37
N ASN A 45 -11.36 11.77 -10.79
CA ASN A 45 -12.43 12.29 -9.91
C ASN A 45 -11.87 13.35 -8.91
N GLY A 46 -10.74 13.98 -9.28
CA GLY A 46 -10.03 14.91 -8.39
C GLY A 46 -9.39 14.19 -7.20
N GLN A 47 -9.11 12.88 -7.40
CA GLN A 47 -8.57 11.97 -6.36
C GLN A 47 -7.49 11.07 -6.99
N GLU A 48 -6.89 10.23 -6.15
CA GLU A 48 -6.00 9.14 -6.58
C GLU A 48 -6.37 7.85 -5.81
N TYR A 49 -6.16 6.67 -6.45
CA TYR A 49 -6.41 5.35 -5.82
C TYR A 49 -5.61 4.23 -6.54
N LEU A 50 -4.81 3.47 -5.77
CA LEU A 50 -3.86 2.45 -6.29
C LEU A 50 -4.63 1.19 -6.74
N LEU A 51 -4.59 0.90 -8.04
CA LEU A 51 -5.06 -0.38 -8.59
C LEU A 51 -3.85 -1.18 -9.05
N ARG A 52 -3.72 -2.39 -8.53
CA ARG A 52 -2.61 -3.27 -8.87
C ARG A 52 -3.12 -4.67 -9.27
N LYS A 53 -2.34 -5.34 -10.12
CA LYS A 53 -2.51 -6.75 -10.44
C LYS A 53 -1.69 -7.58 -9.45
N THR A 54 -2.38 -8.25 -8.52
CA THR A 54 -1.77 -9.20 -7.58
C THR A 54 -1.38 -10.47 -8.38
N GLN A 55 -0.16 -11.00 -8.11
CA GLN A 55 0.44 -12.13 -8.87
C GLN A 55 -0.43 -13.42 -8.77
N ALA A 56 -1.20 -13.53 -7.68
CA ALA A 56 -2.18 -14.63 -7.45
C ALA A 56 -3.25 -14.68 -8.56
N GLY A 57 -3.44 -13.55 -9.25
CA GLY A 57 -4.28 -13.44 -10.43
C GLY A 57 -5.52 -12.59 -10.20
N LYS A 58 -5.35 -11.46 -9.49
CA LYS A 58 -6.47 -10.57 -9.14
C LYS A 58 -6.11 -9.08 -9.32
N LEU A 59 -7.13 -8.23 -9.17
CA LEU A 59 -7.00 -6.77 -9.08
C LEU A 59 -7.23 -6.32 -7.63
N LEU A 60 -6.56 -5.25 -7.22
CA LEU A 60 -6.61 -4.73 -5.84
C LEU A 60 -6.71 -3.19 -5.90
N LEU A 61 -7.93 -2.67 -5.74
CA LEU A 61 -8.22 -1.22 -5.70
C LEU A 61 -8.12 -0.77 -4.23
N THR A 62 -7.24 0.21 -3.94
CA THR A 62 -6.94 0.67 -2.57
C THR A 62 -6.92 2.20 -2.53
N LYS A 63 -7.62 2.77 -1.53
CA LYS A 63 -7.55 4.20 -1.19
C LYS A 63 -6.42 4.41 -0.14
N MET A 1 55.15 4.11 12.12
CA MET A 1 54.39 3.12 12.93
C MET A 1 52.87 3.34 12.78
N SER A 2 52.46 4.06 11.70
CA SER A 2 51.05 4.45 11.47
C SER A 2 50.17 3.23 11.12
N ARG A 3 49.67 2.57 12.19
CA ARG A 3 48.78 1.39 12.12
C ARG A 3 47.61 1.60 13.10
N MET A 4 47.98 2.14 14.29
CA MET A 4 47.11 2.28 15.48
C MET A 4 46.74 0.88 16.01
N ASP A 5 45.50 0.40 15.71
CA ASP A 5 44.97 -0.92 16.15
C ASP A 5 43.49 -0.98 15.75
N ASN A 6 43.24 -1.19 14.43
CA ASN A 6 41.90 -1.19 13.79
C ASN A 6 41.24 0.22 13.82
N THR A 7 40.70 0.67 12.68
CA THR A 7 39.98 1.95 12.58
C THR A 7 38.70 1.77 11.73
N GLU A 8 37.52 1.91 12.38
CA GLU A 8 36.20 1.78 11.73
C GLU A 8 35.14 2.53 12.56
N LEU A 9 33.97 2.80 11.94
CA LEU A 9 32.84 3.48 12.60
C LEU A 9 31.63 2.52 12.72
N PRO A 10 30.73 2.70 13.75
CA PRO A 10 29.49 1.89 13.89
C PRO A 10 28.50 2.16 12.73
N HIS A 11 27.74 1.12 12.34
CA HIS A 11 26.75 1.24 11.26
C HIS A 11 25.42 1.82 11.80
N PRO A 12 24.73 2.74 11.03
CA PRO A 12 23.42 3.34 11.42
C PRO A 12 22.36 2.32 11.93
N LYS A 13 21.76 2.65 13.08
CA LYS A 13 20.73 1.83 13.75
C LYS A 13 19.33 2.23 13.22
N GLU A 14 18.56 1.25 12.73
CA GLU A 14 17.18 1.49 12.24
C GLU A 14 16.18 1.33 13.40
N ILE A 15 15.11 2.16 13.40
CA ILE A 15 14.07 2.14 14.46
C ILE A 15 12.80 1.49 13.90
N ASP A 16 12.82 0.13 13.79
CA ASP A 16 11.65 -0.72 13.46
C ASP A 16 11.07 -0.44 12.04
N ASN A 17 10.12 -1.29 11.59
CA ASN A 17 9.33 -1.08 10.36
C ASN A 17 8.00 -1.87 10.49
N GLU A 18 6.91 -1.29 9.94
CA GLU A 18 5.56 -1.92 9.93
C GLU A 18 4.96 -1.87 8.52
N THR A 19 4.99 -0.67 7.91
CA THR A 19 4.31 -0.40 6.63
C THR A 19 4.97 -1.13 5.43
N LEU A 20 4.12 -1.57 4.49
CA LEU A 20 4.55 -2.08 3.17
C LEU A 20 4.81 -0.88 2.24
N LEU A 21 5.52 -1.15 1.14
CA LEU A 21 5.86 -0.13 0.14
C LEU A 21 4.78 -0.07 -0.96
N PRO A 22 4.36 1.16 -1.44
CA PRO A 22 3.37 1.29 -2.54
C PRO A 22 3.85 0.61 -3.83
N ALA A 23 2.92 -0.06 -4.53
CA ALA A 23 3.19 -0.77 -5.80
C ALA A 23 3.80 0.17 -6.84
N ALA A 24 3.36 1.44 -6.80
CA ALA A 24 3.92 2.55 -7.58
C ALA A 24 3.42 3.88 -6.98
N GLU A 25 4.13 4.99 -7.25
CA GLU A 25 3.66 6.34 -6.90
C GLU A 25 3.39 7.16 -8.19
N ARG A 26 3.15 6.42 -9.29
CA ARG A 26 2.84 6.99 -10.62
C ARG A 26 1.33 7.26 -10.73
N ARG A 27 0.93 8.55 -10.61
CA ARG A 27 -0.45 8.98 -10.85
C ARG A 27 -0.68 9.13 -12.37
N VAL A 28 -1.45 8.19 -12.93
CA VAL A 28 -1.97 8.26 -14.31
C VAL A 28 -3.50 8.17 -14.23
N ASN A 29 -4.20 8.75 -15.22
CA ASN A 29 -5.68 8.83 -15.22
C ASN A 29 -6.33 7.43 -15.25
N SER A 30 -7.65 7.38 -14.93
CA SER A 30 -8.45 6.12 -14.88
C SER A 30 -8.39 5.32 -16.20
N GLN A 31 -8.31 6.04 -17.33
CA GLN A 31 -8.16 5.46 -18.69
C GLN A 31 -6.89 4.60 -18.80
N ALA A 32 -5.84 5.00 -18.06
CA ALA A 32 -4.54 4.32 -18.02
C ALA A 32 -4.36 3.52 -16.70
N LEU A 33 -5.48 3.00 -16.15
CA LEU A 33 -5.56 2.30 -14.84
C LEU A 33 -4.46 1.24 -14.56
N LEU A 34 -3.86 0.65 -15.60
CA LEU A 34 -2.79 -0.36 -15.42
C LEU A 34 -1.49 0.06 -16.12
N GLY A 35 -1.59 0.27 -17.45
CA GLY A 35 -0.44 0.58 -18.27
C GLY A 35 0.45 -0.63 -18.55
N PRO A 36 1.77 -0.43 -18.86
CA PRO A 36 2.76 -1.55 -18.98
C PRO A 36 3.14 -2.14 -17.61
N ASP A 37 2.81 -1.39 -16.54
CA ASP A 37 3.11 -1.77 -15.16
C ASP A 37 2.09 -2.78 -14.63
N GLY A 38 0.81 -2.41 -14.74
CA GLY A 38 -0.28 -3.17 -14.14
C GLY A 38 -0.47 -2.83 -12.65
N LYS A 39 0.32 -1.87 -12.15
CA LYS A 39 0.32 -1.45 -10.74
C LYS A 39 0.65 0.06 -10.64
N VAL A 40 -0.39 0.92 -10.69
CA VAL A 40 -0.25 2.39 -10.68
C VAL A 40 -1.41 3.05 -9.91
N ILE A 41 -1.29 4.36 -9.67
CA ILE A 41 -2.30 5.14 -8.95
C ILE A 41 -3.27 5.81 -9.96
N ILE A 42 -4.52 5.34 -9.93
CA ILE A 42 -5.64 5.81 -10.75
C ILE A 42 -6.08 7.20 -10.32
N ASP A 43 -5.92 8.17 -11.21
CA ASP A 43 -6.45 9.52 -11.04
C ASP A 43 -7.82 9.58 -11.71
N HIS A 44 -8.88 9.55 -10.90
CA HIS A 44 -10.24 9.85 -11.35
C HIS A 44 -10.58 11.28 -10.89
N ASN A 45 -10.18 12.24 -11.75
CA ASN A 45 -10.45 13.68 -11.59
C ASN A 45 -9.94 14.19 -10.24
N GLY A 46 -8.64 13.95 -9.99
CA GLY A 46 -7.98 14.36 -8.75
C GLY A 46 -7.99 13.28 -7.67
N GLN A 47 -8.99 12.39 -7.71
CA GLN A 47 -9.17 11.34 -6.70
C GLN A 47 -8.25 10.15 -7.05
N GLU A 48 -7.17 10.00 -6.28
CA GLU A 48 -6.09 9.05 -6.58
C GLU A 48 -6.21 7.77 -5.69
N TYR A 49 -6.27 6.59 -6.34
CA TYR A 49 -6.35 5.27 -5.66
C TYR A 49 -5.40 4.27 -6.35
N LEU A 50 -4.62 3.50 -5.56
CA LEU A 50 -3.64 2.53 -6.09
C LEU A 50 -4.39 1.25 -6.55
N LEU A 51 -4.13 0.80 -7.77
CA LEU A 51 -4.62 -0.49 -8.30
C LEU A 51 -3.40 -1.31 -8.74
N ARG A 52 -3.41 -2.62 -8.40
CA ARG A 52 -2.28 -3.52 -8.72
C ARG A 52 -2.77 -4.91 -9.16
N LYS A 53 -2.07 -5.51 -10.13
CA LYS A 53 -2.30 -6.89 -10.59
C LYS A 53 -1.67 -7.88 -9.58
N THR A 54 -2.51 -8.49 -8.74
CA THR A 54 -2.06 -9.53 -7.81
C THR A 54 -1.81 -10.83 -8.59
N GLN A 55 -0.65 -11.49 -8.32
CA GLN A 55 -0.26 -12.75 -8.98
C GLN A 55 -1.16 -13.92 -8.50
N ALA A 56 -2.00 -13.64 -7.47
CA ALA A 56 -3.12 -14.50 -7.05
C ALA A 56 -4.17 -14.67 -8.17
N GLY A 57 -4.14 -13.77 -9.17
CA GLY A 57 -5.03 -13.81 -10.33
C GLY A 57 -6.15 -12.80 -10.26
N LYS A 58 -5.86 -11.61 -9.66
CA LYS A 58 -6.88 -10.55 -9.41
C LYS A 58 -6.28 -9.14 -9.58
N LEU A 59 -7.18 -8.15 -9.47
CA LEU A 59 -6.81 -6.73 -9.29
C LEU A 59 -7.13 -6.32 -7.85
N LEU A 60 -6.32 -5.39 -7.29
CA LEU A 60 -6.42 -4.96 -5.90
C LEU A 60 -6.37 -3.43 -5.85
N LEU A 61 -7.54 -2.82 -5.67
CA LEU A 61 -7.70 -1.37 -5.52
C LEU A 61 -7.58 -1.05 -4.02
N THR A 62 -6.41 -0.51 -3.64
CA THR A 62 -6.12 -0.05 -2.27
C THR A 62 -6.04 1.49 -2.26
N LYS A 63 -6.68 2.12 -1.27
CA LYS A 63 -6.77 3.59 -1.15
C LYS A 63 -6.88 4.01 0.33
N MET A 1 -12.38 0.18 48.57
CA MET A 1 -11.16 0.34 49.41
C MET A 1 -9.92 -0.11 48.61
N SER A 2 -9.31 0.84 47.87
CA SER A 2 -8.04 0.65 47.12
C SER A 2 -8.15 -0.47 46.04
N ARG A 3 -8.58 -0.09 44.81
CA ARG A 3 -8.67 -1.03 43.67
C ARG A 3 -7.69 -0.58 42.57
N MET A 4 -6.42 -0.99 42.71
CA MET A 4 -5.38 -0.78 41.68
C MET A 4 -4.83 -2.14 41.22
N ASP A 5 -4.86 -2.39 39.91
CA ASP A 5 -4.29 -3.60 39.32
C ASP A 5 -3.78 -3.25 37.90
N ASN A 6 -2.66 -3.84 37.51
CA ASN A 6 -1.98 -3.51 36.23
C ASN A 6 -1.31 -4.78 35.64
N THR A 7 -2.09 -5.89 35.60
CA THR A 7 -1.67 -7.15 34.94
C THR A 7 -1.48 -6.94 33.42
N GLU A 8 -0.25 -6.51 33.06
CA GLU A 8 0.20 -6.30 31.68
C GLU A 8 1.54 -7.00 31.49
N LEU A 9 1.98 -7.10 30.22
CA LEU A 9 3.28 -7.71 29.85
C LEU A 9 4.44 -6.84 30.36
N PRO A 10 5.42 -7.42 31.15
CA PRO A 10 6.70 -6.73 31.53
C PRO A 10 7.65 -6.51 30.31
N HIS A 11 7.18 -5.72 29.36
CA HIS A 11 7.88 -5.32 28.13
C HIS A 11 7.45 -3.89 27.80
N PRO A 12 8.39 -2.98 27.41
CA PRO A 12 8.03 -1.62 26.95
C PRO A 12 7.28 -1.66 25.61
N LYS A 13 6.65 -0.53 25.22
CA LYS A 13 5.95 -0.43 23.94
C LYS A 13 6.99 -0.19 22.83
N GLU A 14 7.61 -1.30 22.40
CA GLU A 14 8.69 -1.32 21.41
C GLU A 14 8.11 -0.96 20.03
N ILE A 15 8.59 0.16 19.47
CA ILE A 15 8.13 0.66 18.16
C ILE A 15 8.76 -0.22 17.05
N ASP A 16 8.01 -1.25 16.67
CA ASP A 16 8.39 -2.24 15.66
C ASP A 16 7.24 -2.35 14.64
N ASN A 17 7.35 -1.57 13.56
CA ASN A 17 6.35 -1.54 12.48
C ASN A 17 6.80 -2.48 11.35
N GLU A 18 5.98 -3.50 11.05
CA GLU A 18 6.26 -4.49 9.98
C GLU A 18 5.08 -4.53 8.98
N THR A 19 4.52 -3.34 8.68
CA THR A 19 3.46 -3.19 7.66
C THR A 19 4.02 -3.44 6.24
N LEU A 20 3.13 -3.84 5.31
CA LEU A 20 3.51 -4.18 3.93
C LEU A 20 3.88 -2.92 3.12
N LEU A 21 4.67 -3.15 2.06
CA LEU A 21 5.24 -2.08 1.22
C LEU A 21 4.21 -1.61 0.16
N PRO A 22 4.30 -0.31 -0.31
CA PRO A 22 3.44 0.20 -1.43
C PRO A 22 3.77 -0.50 -2.78
N ALA A 23 2.81 -0.46 -3.73
CA ALA A 23 2.97 -1.10 -5.05
C ALA A 23 3.82 -0.19 -5.95
N ALA A 24 3.32 1.03 -6.20
CA ALA A 24 3.99 2.01 -7.06
C ALA A 24 3.38 3.40 -6.83
N GLU A 25 4.20 4.44 -7.01
CA GLU A 25 3.80 5.86 -6.84
C GLU A 25 3.53 6.53 -8.21
N ARG A 26 3.11 5.71 -9.19
CA ARG A 26 2.85 6.17 -10.57
C ARG A 26 1.46 6.84 -10.69
N ARG A 27 1.40 8.19 -10.53
CA ARG A 27 0.17 8.98 -10.73
C ARG A 27 -0.11 9.10 -12.25
N VAL A 28 -1.12 8.37 -12.73
CA VAL A 28 -1.59 8.39 -14.13
C VAL A 28 -3.12 8.33 -14.16
N ASN A 29 -3.72 9.00 -15.16
CA ASN A 29 -5.20 9.07 -15.32
C ASN A 29 -5.80 7.66 -15.54
N SER A 30 -7.13 7.53 -15.29
CA SER A 30 -7.93 6.29 -15.53
C SER A 30 -7.63 5.59 -16.88
N GLN A 31 -7.25 6.38 -17.91
CA GLN A 31 -6.87 5.84 -19.24
C GLN A 31 -5.74 4.79 -19.11
N ALA A 32 -4.76 5.13 -18.26
CA ALA A 32 -3.58 4.28 -17.96
C ALA A 32 -3.75 3.58 -16.59
N LEU A 33 -5.00 3.15 -16.26
CA LEU A 33 -5.35 2.50 -14.97
C LEU A 33 -4.48 1.26 -14.62
N LEU A 34 -3.87 0.63 -15.65
CA LEU A 34 -2.94 -0.49 -15.44
C LEU A 34 -1.69 -0.29 -16.32
N GLY A 35 -1.95 -0.07 -17.62
CA GLY A 35 -0.90 0.02 -18.63
C GLY A 35 -0.23 -1.32 -18.89
N PRO A 36 1.07 -1.36 -19.33
CA PRO A 36 1.86 -2.61 -19.40
C PRO A 36 2.55 -2.97 -18.07
N ASP A 37 2.30 -2.17 -17.01
CA ASP A 37 2.92 -2.33 -15.69
C ASP A 37 2.05 -3.25 -14.80
N GLY A 38 0.78 -2.83 -14.60
CA GLY A 38 -0.19 -3.61 -13.80
C GLY A 38 -0.49 -3.01 -12.43
N LYS A 39 0.43 -2.18 -11.88
CA LYS A 39 0.25 -1.59 -10.53
C LYS A 39 0.57 -0.08 -10.53
N VAL A 40 -0.48 0.76 -10.55
CA VAL A 40 -0.33 2.24 -10.63
C VAL A 40 -1.39 2.95 -9.76
N ILE A 41 -1.18 4.26 -9.57
CA ILE A 41 -2.13 5.17 -8.89
C ILE A 41 -3.04 5.82 -9.96
N ILE A 42 -4.33 5.46 -9.94
CA ILE A 42 -5.34 5.97 -10.87
C ILE A 42 -5.83 7.34 -10.41
N ASP A 43 -5.47 8.35 -11.17
CA ASP A 43 -5.92 9.73 -11.01
C ASP A 43 -7.22 9.92 -11.80
N HIS A 44 -8.30 10.31 -11.11
CA HIS A 44 -9.59 10.63 -11.73
C HIS A 44 -10.55 11.26 -10.71
N ASN A 45 -11.37 12.24 -11.18
CA ASN A 45 -12.49 12.83 -10.41
C ASN A 45 -12.00 13.58 -9.13
N GLY A 46 -10.70 13.96 -9.11
CA GLY A 46 -10.11 14.70 -8.00
C GLY A 46 -9.47 13.80 -6.94
N GLN A 47 -9.59 12.46 -7.10
CA GLN A 47 -9.00 11.48 -6.16
C GLN A 47 -8.00 10.55 -6.87
N GLU A 48 -7.30 9.76 -6.05
CA GLU A 48 -6.31 8.79 -6.49
C GLU A 48 -6.61 7.43 -5.83
N TYR A 49 -6.49 6.34 -6.61
CA TYR A 49 -6.77 4.95 -6.13
C TYR A 49 -5.67 4.01 -6.67
N LEU A 50 -4.91 3.38 -5.75
CA LEU A 50 -3.83 2.43 -6.10
C LEU A 50 -4.45 1.08 -6.52
N LEU A 51 -4.49 0.80 -7.83
CA LEU A 51 -4.98 -0.47 -8.37
C LEU A 51 -3.77 -1.29 -8.81
N ARG A 52 -3.60 -2.46 -8.20
CA ARG A 52 -2.48 -3.37 -8.49
C ARG A 52 -3.02 -4.75 -8.90
N LYS A 53 -2.45 -5.32 -9.97
CA LYS A 53 -2.74 -6.68 -10.40
C LYS A 53 -1.94 -7.64 -9.53
N THR A 54 -2.62 -8.22 -8.52
CA THR A 54 -2.04 -9.23 -7.63
C THR A 54 -1.67 -10.45 -8.48
N GLN A 55 -0.46 -11.02 -8.23
CA GLN A 55 0.07 -12.17 -8.99
C GLN A 55 -0.71 -13.48 -8.68
N ALA A 56 -1.66 -13.39 -7.72
CA ALA A 56 -2.70 -14.42 -7.47
C ALA A 56 -3.72 -14.49 -8.63
N GLY A 57 -3.67 -13.49 -9.52
CA GLY A 57 -4.56 -13.39 -10.68
C GLY A 57 -5.79 -12.57 -10.39
N LYS A 58 -5.61 -11.47 -9.64
CA LYS A 58 -6.73 -10.61 -9.19
C LYS A 58 -6.35 -9.12 -9.26
N LEU A 59 -7.35 -8.26 -9.05
CA LEU A 59 -7.17 -6.79 -8.93
C LEU A 59 -7.37 -6.37 -7.46
N LEU A 60 -6.53 -5.43 -6.97
CA LEU A 60 -6.58 -4.94 -5.60
C LEU A 60 -6.67 -3.40 -5.63
N LEU A 61 -7.88 -2.87 -5.43
CA LEU A 61 -8.13 -1.43 -5.40
C LEU A 61 -7.98 -0.97 -3.94
N THR A 62 -6.96 -0.15 -3.70
CA THR A 62 -6.61 0.40 -2.40
C THR A 62 -6.42 1.93 -2.56
N LYS A 63 -6.08 2.62 -1.47
CA LYS A 63 -5.74 4.06 -1.48
C LYS A 63 -4.26 4.21 -1.06
N MET A 1 47.32 -11.33 22.61
CA MET A 1 47.84 -9.94 22.60
C MET A 1 46.73 -8.92 22.25
N SER A 2 45.46 -9.33 22.48
CA SER A 2 44.29 -8.47 22.22
C SER A 2 43.15 -8.82 23.20
N ARG A 3 42.53 -7.79 23.79
CA ARG A 3 41.40 -7.95 24.75
C ARG A 3 40.07 -8.19 24.01
N MET A 4 39.20 -8.98 24.62
CA MET A 4 37.81 -9.19 24.18
C MET A 4 36.89 -8.31 25.06
N ASP A 5 36.95 -6.99 24.81
CA ASP A 5 36.25 -5.97 25.63
C ASP A 5 34.76 -5.85 25.27
N ASN A 6 34.35 -6.55 24.19
CA ASN A 6 32.95 -6.61 23.74
C ASN A 6 32.01 -7.13 24.88
N THR A 7 30.93 -6.36 25.15
CA THR A 7 29.96 -6.66 26.20
C THR A 7 28.64 -5.89 25.94
N GLU A 8 27.50 -6.62 25.87
CA GLU A 8 26.16 -6.05 25.60
C GLU A 8 25.19 -6.43 26.74
N LEU A 9 25.12 -5.58 27.77
CA LEU A 9 24.19 -5.74 28.90
C LEU A 9 22.75 -5.40 28.47
N PRO A 10 21.68 -5.85 29.25
CA PRO A 10 20.25 -5.50 28.99
C PRO A 10 20.02 -4.02 28.58
N HIS A 11 19.12 -3.81 27.60
CA HIS A 11 18.95 -2.54 26.87
C HIS A 11 17.58 -2.50 26.16
N PRO A 12 17.10 -1.30 25.67
CA PRO A 12 15.86 -1.18 24.84
C PRO A 12 15.81 -2.15 23.62
N LYS A 13 14.62 -2.70 23.34
CA LYS A 13 14.39 -3.64 22.23
C LYS A 13 14.41 -2.92 20.87
N GLU A 14 15.10 -3.52 19.89
CA GLU A 14 15.36 -2.92 18.56
C GLU A 14 14.05 -2.76 17.75
N ILE A 15 13.66 -1.49 17.48
CA ILE A 15 12.53 -1.15 16.59
C ILE A 15 13.10 -0.78 15.20
N ASP A 16 13.14 -1.77 14.31
CA ASP A 16 13.64 -1.60 12.93
C ASP A 16 12.47 -1.32 11.97
N ASN A 17 12.74 -0.53 10.91
CA ASN A 17 11.71 -0.19 9.92
C ASN A 17 11.43 -1.40 9.01
N GLU A 18 10.49 -2.26 9.45
CA GLU A 18 10.04 -3.45 8.68
C GLU A 18 8.99 -3.05 7.61
N THR A 19 8.56 -1.77 7.66
CA THR A 19 7.50 -1.19 6.82
C THR A 19 7.75 -1.44 5.31
N LEU A 20 6.71 -1.98 4.63
CA LEU A 20 6.77 -2.35 3.21
C LEU A 20 6.75 -1.09 2.31
N LEU A 21 7.24 -1.27 1.08
CA LEU A 21 7.34 -0.19 0.08
C LEU A 21 6.03 -0.11 -0.73
N PRO A 22 5.63 1.12 -1.23
CA PRO A 22 4.40 1.29 -2.05
C PRO A 22 4.51 0.53 -3.39
N ALA A 23 3.35 0.09 -3.94
CA ALA A 23 3.31 -0.68 -5.20
C ALA A 23 3.85 0.18 -6.36
N ALA A 24 3.25 1.37 -6.50
CA ALA A 24 3.65 2.35 -7.51
C ALA A 24 3.25 3.76 -7.05
N GLU A 25 4.04 4.76 -7.46
CA GLU A 25 3.72 6.19 -7.27
C GLU A 25 3.42 6.84 -8.64
N ARG A 26 3.01 5.98 -9.61
CA ARG A 26 2.70 6.38 -10.99
C ARG A 26 1.26 6.93 -11.08
N ARG A 27 1.10 8.26 -10.89
CA ARG A 27 -0.20 8.92 -11.08
C ARG A 27 -0.48 9.11 -12.58
N VAL A 28 -1.23 8.17 -13.16
CA VAL A 28 -1.76 8.25 -14.54
C VAL A 28 -3.30 8.20 -14.50
N ASN A 29 -3.92 8.74 -15.56
CA ASN A 29 -5.39 8.84 -15.68
C ASN A 29 -6.05 7.44 -15.62
N SER A 30 -7.33 7.40 -15.23
CA SER A 30 -8.15 6.17 -15.08
C SER A 30 -8.13 5.26 -16.34
N GLN A 31 -7.91 5.86 -17.53
CA GLN A 31 -7.79 5.12 -18.82
C GLN A 31 -6.63 4.08 -18.78
N ALA A 32 -5.53 4.46 -18.09
CA ALA A 32 -4.34 3.59 -17.89
C ALA A 32 -4.29 3.09 -16.43
N LEU A 33 -5.48 2.74 -15.89
CA LEU A 33 -5.67 2.18 -14.53
C LEU A 33 -4.71 1.03 -14.14
N LEU A 34 -4.03 0.39 -15.10
CA LEU A 34 -3.00 -0.64 -14.85
C LEU A 34 -1.64 -0.19 -15.39
N GLY A 35 -1.67 0.56 -16.49
CA GLY A 35 -0.46 1.02 -17.17
C GLY A 35 0.35 -0.12 -17.79
N PRO A 36 1.64 0.12 -18.19
CA PRO A 36 2.55 -0.94 -18.68
C PRO A 36 3.10 -1.80 -17.52
N ASP A 37 2.88 -1.34 -16.28
CA ASP A 37 3.42 -1.97 -15.06
C ASP A 37 2.43 -2.99 -14.49
N GLY A 38 1.13 -2.82 -14.81
CA GLY A 38 0.06 -3.68 -14.27
C GLY A 38 -0.41 -3.22 -12.88
N LYS A 39 0.29 -2.22 -12.33
CA LYS A 39 0.03 -1.69 -10.98
C LYS A 39 0.45 -0.22 -10.94
N VAL A 40 -0.54 0.68 -10.85
CA VAL A 40 -0.31 2.15 -10.88
C VAL A 40 -1.35 2.88 -9.98
N ILE A 41 -1.13 4.19 -9.80
CA ILE A 41 -2.10 5.08 -9.15
C ILE A 41 -3.03 5.72 -10.22
N ILE A 42 -4.31 5.39 -10.13
CA ILE A 42 -5.38 5.96 -10.95
C ILE A 42 -5.59 7.44 -10.56
N ASP A 43 -5.74 8.29 -11.57
CA ASP A 43 -6.10 9.71 -11.42
C ASP A 43 -7.48 9.92 -12.06
N HIS A 44 -8.46 10.33 -11.24
CA HIS A 44 -9.83 10.60 -11.73
C HIS A 44 -10.53 11.65 -10.84
N ASN A 45 -10.79 12.84 -11.44
CA ASN A 45 -11.60 13.92 -10.84
C ASN A 45 -10.93 14.48 -9.55
N GLY A 46 -9.59 14.39 -9.52
CA GLY A 46 -8.79 14.88 -8.38
C GLY A 46 -8.63 13.86 -7.25
N GLN A 47 -9.18 12.65 -7.45
CA GLN A 47 -9.11 11.55 -6.47
C GLN A 47 -8.22 10.43 -7.03
N GLU A 48 -7.23 10.00 -6.22
CA GLU A 48 -6.23 9.00 -6.65
C GLU A 48 -6.39 7.69 -5.88
N TYR A 49 -6.27 6.55 -6.59
CA TYR A 49 -6.44 5.19 -6.00
C TYR A 49 -5.30 4.28 -6.51
N LEU A 50 -4.87 3.29 -5.72
CA LEU A 50 -3.81 2.33 -6.16
C LEU A 50 -4.49 1.02 -6.61
N LEU A 51 -4.49 0.72 -7.91
CA LEU A 51 -4.99 -0.56 -8.45
C LEU A 51 -3.78 -1.39 -8.89
N ARG A 52 -3.70 -2.61 -8.37
CA ARG A 52 -2.59 -3.52 -8.64
C ARG A 52 -3.11 -4.89 -9.06
N LYS A 53 -2.50 -5.46 -10.11
CA LYS A 53 -2.71 -6.85 -10.50
C LYS A 53 -1.94 -7.75 -9.55
N THR A 54 -2.67 -8.45 -8.67
CA THR A 54 -2.07 -9.44 -7.77
C THR A 54 -1.69 -10.66 -8.62
N GLN A 55 -0.51 -11.24 -8.32
CA GLN A 55 0.03 -12.40 -9.08
C GLN A 55 -0.75 -13.70 -8.72
N ALA A 56 -1.68 -13.60 -7.74
CA ALA A 56 -2.71 -14.62 -7.48
C ALA A 56 -3.68 -14.73 -8.69
N GLY A 57 -3.77 -13.64 -9.47
CA GLY A 57 -4.60 -13.56 -10.68
C GLY A 57 -5.79 -12.66 -10.49
N LYS A 58 -5.61 -11.56 -9.74
CA LYS A 58 -6.74 -10.65 -9.38
C LYS A 58 -6.35 -9.16 -9.59
N LEU A 59 -7.34 -8.30 -9.33
CA LEU A 59 -7.17 -6.83 -9.24
C LEU A 59 -7.44 -6.39 -7.79
N LEU A 60 -6.63 -5.46 -7.27
CA LEU A 60 -6.70 -5.05 -5.86
C LEU A 60 -6.67 -3.51 -5.78
N LEU A 61 -7.85 -2.90 -5.56
CA LEU A 61 -7.99 -1.44 -5.38
C LEU A 61 -7.76 -1.12 -3.90
N THR A 62 -6.77 -0.27 -3.63
CA THR A 62 -6.36 0.11 -2.27
C THR A 62 -6.28 1.64 -2.17
N LYS A 63 -6.35 2.15 -0.93
CA LYS A 63 -6.33 3.60 -0.64
C LYS A 63 -5.32 3.86 0.51
N MET A 1 3.52 -33.78 20.57
CA MET A 1 4.38 -34.47 19.58
C MET A 1 5.09 -33.42 18.72
N SER A 2 6.02 -32.68 19.34
CA SER A 2 6.77 -31.60 18.69
C SER A 2 7.83 -32.20 17.74
N ARG A 3 7.42 -32.42 16.46
CA ARG A 3 8.27 -32.97 15.41
C ARG A 3 7.61 -32.78 14.04
N MET A 4 8.43 -32.38 13.04
CA MET A 4 7.98 -32.15 11.65
C MET A 4 9.22 -32.21 10.73
N ASP A 5 9.49 -33.43 10.21
CA ASP A 5 10.77 -33.79 9.54
C ASP A 5 11.93 -33.49 10.52
N ASN A 6 11.84 -34.14 11.71
CA ASN A 6 12.58 -33.77 12.92
C ASN A 6 12.19 -32.33 13.33
N THR A 7 12.80 -31.33 12.67
CA THR A 7 12.44 -29.91 12.79
C THR A 7 12.76 -29.21 11.45
N GLU A 8 11.71 -28.93 10.64
CA GLU A 8 11.87 -28.14 9.42
C GLU A 8 12.02 -26.64 9.80
N LEU A 9 13.23 -26.10 9.57
CA LEU A 9 13.57 -24.71 9.95
C LEU A 9 14.33 -23.98 8.81
N PRO A 10 13.62 -23.48 7.75
CA PRO A 10 14.20 -22.56 6.74
C PRO A 10 14.25 -21.10 7.27
N HIS A 11 14.65 -20.17 6.39
CA HIS A 11 14.71 -18.73 6.73
C HIS A 11 13.30 -18.10 6.57
N PRO A 12 12.69 -17.56 7.69
CA PRO A 12 11.33 -16.98 7.65
C PRO A 12 11.26 -15.70 6.77
N LYS A 13 10.77 -15.88 5.53
CA LYS A 13 10.44 -14.79 4.62
C LYS A 13 9.24 -13.99 5.18
N GLU A 14 8.07 -14.67 5.21
CA GLU A 14 6.83 -14.19 5.82
C GLU A 14 5.75 -15.28 5.66
N ILE A 15 5.36 -15.91 6.77
CA ILE A 15 4.23 -16.88 6.78
C ILE A 15 2.97 -16.11 7.22
N ASP A 16 2.52 -15.22 6.32
CA ASP A 16 1.36 -14.34 6.52
C ASP A 16 1.00 -13.68 5.18
N ASN A 17 -0.24 -13.16 5.08
CA ASN A 17 -0.71 -12.46 3.88
C ASN A 17 -1.64 -11.30 4.27
N GLU A 18 -1.05 -10.09 4.31
CA GLU A 18 -1.80 -8.82 4.30
C GLU A 18 -0.98 -7.80 3.48
N THR A 19 -1.54 -7.38 2.33
CA THR A 19 -0.83 -6.55 1.35
C THR A 19 -0.82 -5.07 1.78
N LEU A 20 0.18 -4.73 2.61
CA LEU A 20 0.41 -3.36 3.09
C LEU A 20 1.26 -2.57 2.07
N LEU A 21 1.35 -1.24 2.26
CA LEU A 21 2.10 -0.31 1.36
C LEU A 21 1.44 -0.16 -0.04
N PRO A 22 1.40 1.08 -0.63
CA PRO A 22 1.02 1.27 -2.05
C PRO A 22 2.07 0.62 -2.97
N ALA A 23 1.60 -0.15 -3.97
CA ALA A 23 2.46 -0.91 -4.90
C ALA A 23 3.53 -0.03 -5.56
N ALA A 24 3.12 1.22 -5.88
CA ALA A 24 4.00 2.26 -6.43
C ALA A 24 3.33 3.63 -6.34
N GLU A 25 3.97 4.64 -6.95
CA GLU A 25 3.52 6.04 -6.95
C GLU A 25 3.28 6.51 -8.39
N ARG A 26 2.96 5.54 -9.28
CA ARG A 26 2.68 5.78 -10.71
C ARG A 26 1.31 6.47 -10.86
N ARG A 27 1.27 7.77 -10.57
CA ARG A 27 0.02 8.54 -10.48
C ARG A 27 -0.40 8.97 -11.90
N VAL A 28 -1.12 8.08 -12.58
CA VAL A 28 -1.53 8.24 -13.99
C VAL A 28 -3.06 8.37 -14.06
N ASN A 29 -3.55 9.04 -15.10
CA ASN A 29 -4.99 9.14 -15.42
C ASN A 29 -5.62 7.72 -15.55
N SER A 30 -6.93 7.63 -15.26
CA SER A 30 -7.73 6.37 -15.31
C SER A 30 -7.59 5.58 -16.64
N GLN A 31 -7.24 6.27 -17.74
CA GLN A 31 -7.01 5.61 -19.05
C GLN A 31 -5.89 4.53 -18.97
N ALA A 32 -4.89 4.79 -18.11
CA ALA A 32 -3.76 3.88 -17.86
C ALA A 32 -3.91 3.22 -16.46
N LEU A 33 -5.17 2.93 -16.06
CA LEU A 33 -5.52 2.33 -14.73
C LEU A 33 -4.76 1.03 -14.41
N LEU A 34 -4.21 0.36 -15.44
CA LEU A 34 -3.26 -0.75 -15.28
C LEU A 34 -2.07 -0.51 -16.23
N GLY A 35 -2.36 -0.55 -17.54
CA GLY A 35 -1.34 -0.34 -18.57
C GLY A 35 -0.32 -1.48 -18.67
N PRO A 36 0.92 -1.20 -19.18
CA PRO A 36 2.00 -2.21 -19.25
C PRO A 36 2.76 -2.38 -17.90
N ASP A 37 2.29 -1.65 -16.87
CA ASP A 37 2.85 -1.67 -15.52
C ASP A 37 2.01 -2.63 -14.64
N GLY A 38 0.71 -2.31 -14.52
CA GLY A 38 -0.26 -3.17 -13.82
C GLY A 38 -0.55 -2.77 -12.37
N LYS A 39 0.24 -1.86 -11.79
CA LYS A 39 0.11 -1.46 -10.36
C LYS A 39 0.35 0.07 -10.19
N VAL A 40 -0.70 0.83 -10.52
CA VAL A 40 -0.60 2.31 -10.66
C VAL A 40 -1.63 3.00 -9.75
N ILE A 41 -1.39 4.30 -9.46
CA ILE A 41 -2.35 5.15 -8.74
C ILE A 41 -3.27 5.84 -9.79
N ILE A 42 -4.54 5.42 -9.81
CA ILE A 42 -5.57 5.91 -10.73
C ILE A 42 -6.04 7.32 -10.29
N ASP A 43 -5.59 8.34 -11.03
CA ASP A 43 -6.15 9.69 -10.92
C ASP A 43 -7.47 9.72 -11.71
N HIS A 44 -8.55 10.08 -11.00
CA HIS A 44 -9.91 10.12 -11.56
C HIS A 44 -10.69 11.27 -10.91
N ASN A 45 -10.79 12.39 -11.65
CA ASN A 45 -11.46 13.65 -11.22
C ASN A 45 -10.80 14.26 -9.97
N GLY A 46 -9.51 13.91 -9.75
CA GLY A 46 -8.76 14.36 -8.57
C GLY A 46 -8.66 13.28 -7.49
N GLN A 47 -9.61 12.31 -7.52
CA GLN A 47 -9.62 11.18 -6.57
C GLN A 47 -8.63 10.12 -7.06
N GLU A 48 -7.53 9.95 -6.32
CA GLU A 48 -6.43 9.04 -6.69
C GLU A 48 -6.50 7.75 -5.84
N TYR A 49 -6.42 6.58 -6.49
CA TYR A 49 -6.54 5.26 -5.82
C TYR A 49 -5.69 4.18 -6.52
N LEU A 50 -4.80 3.54 -5.72
CA LEU A 50 -3.82 2.54 -6.18
C LEU A 50 -4.54 1.20 -6.50
N LEU A 51 -4.61 0.83 -7.78
CA LEU A 51 -5.07 -0.49 -8.24
C LEU A 51 -3.86 -1.30 -8.66
N ARG A 52 -3.76 -2.53 -8.14
CA ARG A 52 -2.58 -3.38 -8.34
C ARG A 52 -2.99 -4.81 -8.77
N LYS A 53 -2.31 -5.32 -9.80
CA LYS A 53 -2.48 -6.70 -10.29
C LYS A 53 -1.59 -7.65 -9.48
N THR A 54 -2.23 -8.42 -8.59
CA THR A 54 -1.57 -9.49 -7.85
C THR A 54 -1.30 -10.65 -8.82
N GLN A 55 -0.16 -11.35 -8.61
CA GLN A 55 0.34 -12.44 -9.49
C GLN A 55 -0.63 -13.65 -9.51
N ALA A 56 -1.49 -13.75 -8.49
CA ALA A 56 -2.59 -14.75 -8.43
C ALA A 56 -3.64 -14.51 -9.54
N GLY A 57 -3.59 -13.31 -10.15
CA GLY A 57 -4.48 -12.90 -11.23
C GLY A 57 -5.66 -12.10 -10.71
N LYS A 58 -5.41 -11.24 -9.70
CA LYS A 58 -6.50 -10.51 -9.00
C LYS A 58 -6.20 -9.00 -8.96
N LEU A 59 -7.26 -8.22 -8.71
CA LEU A 59 -7.19 -6.75 -8.57
C LEU A 59 -7.45 -6.34 -7.12
N LEU A 60 -6.52 -5.56 -6.57
CA LEU A 60 -6.57 -5.00 -5.21
C LEU A 60 -6.64 -3.47 -5.31
N LEU A 61 -7.78 -2.89 -4.87
CA LEU A 61 -8.02 -1.44 -4.93
C LEU A 61 -7.81 -0.85 -3.52
N THR A 62 -6.64 -0.26 -3.31
CA THR A 62 -6.30 0.51 -2.11
C THR A 62 -6.30 2.01 -2.45
N LYS A 63 -6.57 2.86 -1.45
CA LYS A 63 -6.57 4.33 -1.62
C LYS A 63 -5.11 4.85 -1.68
N MET A 1 29.12 3.60 34.36
CA MET A 1 29.14 3.53 32.87
C MET A 1 29.33 2.08 32.37
N SER A 2 29.10 1.09 33.26
CA SER A 2 29.12 -0.34 32.90
C SER A 2 27.91 -0.68 32.01
N ARG A 3 28.06 -0.43 30.69
CA ARG A 3 26.98 -0.60 29.70
C ARG A 3 26.88 -2.07 29.24
N MET A 4 26.27 -2.91 30.11
CA MET A 4 25.90 -4.28 29.74
C MET A 4 24.44 -4.24 29.24
N ASP A 5 24.29 -4.28 27.92
CA ASP A 5 22.97 -4.32 27.27
C ASP A 5 23.09 -5.12 25.97
N ASN A 6 22.33 -6.22 25.89
CA ASN A 6 22.35 -7.15 24.74
C ASN A 6 21.00 -7.90 24.69
N THR A 7 20.55 -8.21 23.47
CA THR A 7 19.32 -8.99 23.25
C THR A 7 19.39 -9.67 21.87
N GLU A 8 18.68 -10.81 21.73
CA GLU A 8 18.51 -11.47 20.42
C GLU A 8 17.38 -10.73 19.68
N LEU A 9 17.79 -9.92 18.68
CA LEU A 9 16.91 -9.01 17.93
C LEU A 9 15.80 -9.78 17.17
N PRO A 10 14.50 -9.65 17.58
CA PRO A 10 13.37 -10.31 16.90
C PRO A 10 12.71 -9.40 15.84
N HIS A 11 11.61 -9.88 15.24
CA HIS A 11 10.78 -9.07 14.32
C HIS A 11 9.35 -9.65 14.21
N PRO A 12 8.59 -9.77 15.36
CA PRO A 12 7.21 -10.32 15.34
C PRO A 12 6.25 -9.41 14.55
N LYS A 13 5.29 -10.01 13.82
CA LYS A 13 4.31 -9.24 13.05
C LYS A 13 3.28 -8.58 14.02
N GLU A 14 3.69 -7.43 14.59
CA GLU A 14 2.88 -6.66 15.55
C GLU A 14 1.85 -5.85 14.77
N ILE A 15 0.61 -6.37 14.69
CA ILE A 15 -0.48 -5.76 13.92
C ILE A 15 -1.03 -4.53 14.69
N ASP A 16 -0.28 -3.43 14.60
CA ASP A 16 -0.71 -2.11 15.09
C ASP A 16 -1.34 -1.36 13.92
N ASN A 17 -0.56 -1.22 12.85
CA ASN A 17 -1.02 -0.62 11.58
C ASN A 17 0.05 -0.85 10.47
N GLU A 18 0.92 -1.88 10.64
CA GLU A 18 1.98 -2.19 9.67
C GLU A 18 1.39 -2.63 8.30
N THR A 19 1.67 -1.80 7.28
CA THR A 19 1.28 -2.06 5.89
C THR A 19 2.38 -1.48 4.96
N LEU A 20 2.66 -2.17 3.85
CA LEU A 20 3.64 -1.71 2.85
C LEU A 20 3.09 -0.51 2.05
N LEU A 21 3.98 0.13 1.28
CA LEU A 21 3.63 1.27 0.41
C LEU A 21 2.77 0.80 -0.80
N PRO A 22 2.07 1.74 -1.54
CA PRO A 22 1.40 1.40 -2.83
C PRO A 22 2.33 0.62 -3.78
N ALA A 23 1.76 -0.35 -4.53
CA ALA A 23 2.52 -1.23 -5.45
C ALA A 23 3.40 -0.41 -6.43
N ALA A 24 2.86 0.75 -6.84
CA ALA A 24 3.62 1.81 -7.53
C ALA A 24 3.03 3.16 -7.12
N GLU A 25 3.86 4.21 -7.07
CA GLU A 25 3.43 5.58 -6.75
C GLU A 25 3.19 6.39 -8.06
N ARG A 26 2.70 5.69 -9.08
CA ARG A 26 2.54 6.22 -10.44
C ARG A 26 1.10 6.76 -10.64
N ARG A 27 0.90 8.06 -10.36
CA ARG A 27 -0.44 8.69 -10.50
C ARG A 27 -0.71 9.04 -11.97
N VAL A 28 -1.33 8.07 -12.68
CA VAL A 28 -1.76 8.21 -14.09
C VAL A 28 -3.28 8.07 -14.16
N ASN A 29 -3.87 8.63 -15.23
CA ASN A 29 -5.33 8.63 -15.52
C ASN A 29 -5.96 7.23 -15.37
N SER A 30 -7.28 7.21 -15.08
CA SER A 30 -8.10 5.98 -15.09
C SER A 30 -8.00 5.24 -16.44
N GLN A 31 -7.78 6.01 -17.53
CA GLN A 31 -7.50 5.47 -18.87
C GLN A 31 -6.30 4.48 -18.86
N ALA A 32 -5.26 4.85 -18.09
CA ALA A 32 -4.05 4.03 -17.91
C ALA A 32 -4.05 3.34 -16.52
N LEU A 33 -5.26 2.91 -16.07
CA LEU A 33 -5.48 2.23 -14.75
C LEU A 33 -4.55 1.02 -14.48
N LEU A 34 -3.99 0.44 -15.53
CA LEU A 34 -2.95 -0.61 -15.42
C LEU A 34 -1.71 -0.17 -16.18
N GLY A 35 -1.94 0.39 -17.38
CA GLY A 35 -0.86 0.79 -18.27
C GLY A 35 -0.09 -0.41 -18.84
N PRO A 36 1.19 -0.21 -19.30
CA PRO A 36 2.06 -1.32 -19.75
C PRO A 36 2.80 -2.02 -18.56
N ASP A 37 2.48 -1.57 -17.33
CA ASP A 37 3.13 -2.03 -16.09
C ASP A 37 2.25 -3.08 -15.38
N GLY A 38 0.98 -2.70 -15.13
CA GLY A 38 0.00 -3.59 -14.48
C GLY A 38 -0.36 -3.19 -13.04
N LYS A 39 0.41 -2.26 -12.44
CA LYS A 39 0.10 -1.72 -11.09
C LYS A 39 0.52 -0.24 -10.98
N VAL A 40 -0.49 0.65 -10.86
CA VAL A 40 -0.31 2.13 -10.81
C VAL A 40 -1.40 2.75 -9.90
N ILE A 41 -1.22 4.03 -9.53
CA ILE A 41 -2.26 4.80 -8.80
C ILE A 41 -3.16 5.53 -9.82
N ILE A 42 -4.46 5.23 -9.77
CA ILE A 42 -5.50 5.76 -10.67
C ILE A 42 -5.91 7.16 -10.22
N ASP A 43 -5.53 8.15 -11.03
CA ASP A 43 -6.04 9.51 -10.92
C ASP A 43 -7.39 9.59 -11.65
N HIS A 44 -8.34 10.28 -11.01
CA HIS A 44 -9.70 10.44 -11.51
C HIS A 44 -10.34 11.65 -10.81
N ASN A 45 -10.26 12.82 -11.50
CA ASN A 45 -10.96 14.06 -11.11
C ASN A 45 -10.41 14.62 -9.77
N GLY A 46 -9.11 14.38 -9.52
CA GLY A 46 -8.45 14.83 -8.29
C GLY A 46 -8.37 13.76 -7.21
N GLN A 47 -9.15 12.69 -7.36
CA GLN A 47 -9.10 11.50 -6.47
C GLN A 47 -8.03 10.54 -6.98
N GLU A 48 -7.30 9.89 -6.05
CA GLU A 48 -6.28 8.89 -6.42
C GLU A 48 -6.49 7.61 -5.62
N TYR A 49 -6.38 6.44 -6.30
CA TYR A 49 -6.55 5.11 -5.67
C TYR A 49 -5.73 4.04 -6.42
N LEU A 50 -4.86 3.34 -5.67
CA LEU A 50 -3.91 2.33 -6.20
C LEU A 50 -4.68 1.09 -6.68
N LEU A 51 -4.50 0.72 -7.95
CA LEU A 51 -4.96 -0.57 -8.50
C LEU A 51 -3.73 -1.37 -8.87
N ARG A 52 -3.67 -2.59 -8.36
CA ARG A 52 -2.57 -3.51 -8.64
C ARG A 52 -3.12 -4.85 -9.11
N LYS A 53 -2.51 -5.39 -10.17
CA LYS A 53 -2.70 -6.77 -10.57
C LYS A 53 -1.92 -7.66 -9.60
N THR A 54 -2.63 -8.24 -8.60
CA THR A 54 -2.02 -9.14 -7.62
C THR A 54 -1.54 -10.41 -8.35
N GLN A 55 -0.35 -10.90 -7.97
CA GLN A 55 0.25 -12.11 -8.57
C GLN A 55 -0.53 -13.39 -8.17
N ALA A 56 -1.52 -13.23 -7.28
CA ALA A 56 -2.56 -14.25 -7.00
C ALA A 56 -3.47 -14.49 -8.25
N GLY A 57 -3.38 -13.56 -9.22
CA GLY A 57 -4.14 -13.59 -10.46
C GLY A 57 -5.41 -12.75 -10.37
N LYS A 58 -5.34 -11.65 -9.61
CA LYS A 58 -6.52 -10.80 -9.30
C LYS A 58 -6.15 -9.30 -9.40
N LEU A 59 -7.12 -8.45 -9.04
CA LEU A 59 -6.95 -6.99 -8.88
C LEU A 59 -7.09 -6.60 -7.40
N LEU A 60 -6.55 -5.43 -7.03
CA LEU A 60 -6.67 -4.89 -5.66
C LEU A 60 -6.73 -3.35 -5.74
N LEU A 61 -7.92 -2.77 -5.53
CA LEU A 61 -8.15 -1.32 -5.56
C LEU A 61 -8.19 -0.81 -4.12
N THR A 62 -7.07 -0.22 -3.67
CA THR A 62 -6.90 0.31 -2.33
C THR A 62 -6.60 1.83 -2.38
N LYS A 63 -7.30 2.62 -1.54
CA LYS A 63 -7.00 4.05 -1.37
C LYS A 63 -5.86 4.19 -0.32
N MET A 1 -18.80 22.87 41.88
CA MET A 1 -18.35 21.81 40.93
C MET A 1 -17.32 20.93 41.63
N SER A 2 -17.74 19.70 42.01
CA SER A 2 -16.86 18.72 42.67
C SER A 2 -16.46 17.63 41.68
N ARG A 3 -15.14 17.56 41.34
CA ARG A 3 -14.60 16.55 40.43
C ARG A 3 -14.49 15.18 41.16
N MET A 4 -15.23 14.20 40.63
CA MET A 4 -15.32 12.84 41.22
C MET A 4 -15.47 11.82 40.08
N ASP A 5 -15.01 10.56 40.33
CA ASP A 5 -14.96 9.47 39.32
C ASP A 5 -13.95 9.79 38.21
N ASN A 6 -12.76 9.15 38.28
CA ASN A 6 -11.70 9.31 37.27
C ASN A 6 -12.11 8.63 35.95
N THR A 7 -11.87 9.31 34.81
CA THR A 7 -12.13 8.78 33.47
C THR A 7 -11.05 7.74 33.09
N GLU A 8 -11.43 6.71 32.30
CA GLU A 8 -10.52 5.64 31.86
C GLU A 8 -9.47 6.17 30.84
N LEU A 9 -8.31 5.48 30.75
CA LEU A 9 -7.19 5.83 29.84
C LEU A 9 -7.64 5.82 28.35
N PRO A 10 -7.07 6.72 27.47
CA PRO A 10 -7.44 6.77 26.03
C PRO A 10 -6.78 5.64 25.21
N HIS A 11 -7.25 5.48 23.96
CA HIS A 11 -6.77 4.42 23.04
C HIS A 11 -5.65 5.00 22.14
N PRO A 12 -4.59 4.19 21.79
CA PRO A 12 -3.48 4.62 20.90
C PRO A 12 -3.96 5.09 19.50
N LYS A 13 -3.25 6.08 18.94
CA LYS A 13 -3.49 6.59 17.57
C LYS A 13 -3.14 5.51 16.52
N GLU A 14 -2.14 4.68 16.88
CA GLU A 14 -1.71 3.52 16.10
C GLU A 14 -1.82 2.27 16.97
N ILE A 15 -2.93 1.52 16.85
CA ILE A 15 -3.13 0.25 17.58
C ILE A 15 -2.47 -0.89 16.77
N ASP A 16 -1.11 -0.82 16.70
CA ASP A 16 -0.24 -1.80 15.99
C ASP A 16 -0.57 -1.92 14.48
N ASN A 17 0.37 -1.46 13.62
CA ASN A 17 0.24 -1.56 12.16
C ASN A 17 1.59 -1.86 11.50
N GLU A 18 1.64 -2.92 10.69
CA GLU A 18 2.81 -3.28 9.88
C GLU A 18 2.56 -2.84 8.43
N THR A 19 2.71 -1.53 8.18
CA THR A 19 2.51 -0.94 6.85
C THR A 19 3.69 -1.30 5.92
N LEU A 20 3.43 -2.22 4.98
CA LEU A 20 4.42 -2.69 3.98
C LEU A 20 4.65 -1.65 2.86
N LEU A 21 5.56 -2.01 1.93
CA LEU A 21 5.99 -1.15 0.80
C LEU A 21 4.84 -0.99 -0.23
N PRO A 22 4.65 0.22 -0.85
CA PRO A 22 3.59 0.47 -1.87
C PRO A 22 3.96 -0.13 -3.24
N ALA A 23 2.93 -0.35 -4.10
CA ALA A 23 3.11 -0.96 -5.42
C ALA A 23 3.91 -0.04 -6.36
N ALA A 24 3.42 1.21 -6.49
CA ALA A 24 4.07 2.25 -7.32
C ALA A 24 3.40 3.61 -7.09
N GLU A 25 4.22 4.68 -7.06
CA GLU A 25 3.73 6.07 -6.96
C GLU A 25 3.58 6.70 -8.37
N ARG A 26 3.07 5.88 -9.31
CA ARG A 26 2.86 6.27 -10.71
C ARG A 26 1.43 6.84 -10.87
N ARG A 27 1.28 8.17 -10.71
CA ARG A 27 -0.03 8.82 -10.83
C ARG A 27 -0.36 9.05 -12.32
N VAL A 28 -1.05 8.07 -12.93
CA VAL A 28 -1.59 8.15 -14.30
C VAL A 28 -3.12 8.29 -14.22
N ASN A 29 -3.74 8.73 -15.34
CA ASN A 29 -5.22 8.85 -15.44
C ASN A 29 -5.90 7.47 -15.38
N SER A 30 -7.23 7.49 -15.13
CA SER A 30 -8.09 6.27 -15.09
C SER A 30 -8.07 5.48 -16.41
N GLN A 31 -7.83 6.17 -17.53
CA GLN A 31 -7.70 5.53 -18.86
C GLN A 31 -6.53 4.50 -18.86
N ALA A 32 -5.49 4.80 -18.07
CA ALA A 32 -4.32 3.91 -17.89
C ALA A 32 -4.35 3.28 -16.48
N LEU A 33 -5.57 2.88 -16.03
CA LEU A 33 -5.83 2.26 -14.70
C LEU A 33 -4.84 1.13 -14.29
N LEU A 34 -4.17 0.51 -15.27
CA LEU A 34 -3.13 -0.50 -15.02
C LEU A 34 -1.80 -0.08 -15.66
N GLY A 35 -1.89 0.62 -16.80
CA GLY A 35 -0.71 0.98 -17.60
C GLY A 35 -0.04 -0.26 -18.22
N PRO A 36 1.29 -0.22 -18.51
CA PRO A 36 2.06 -1.42 -18.92
C PRO A 36 2.46 -2.32 -17.72
N ASP A 37 2.32 -1.79 -16.50
CA ASP A 37 2.83 -2.41 -15.27
C ASP A 37 1.80 -3.33 -14.63
N GLY A 38 0.55 -2.86 -14.59
CA GLY A 38 -0.54 -3.51 -13.87
C GLY A 38 -0.74 -2.96 -12.46
N LYS A 39 0.26 -2.23 -11.95
CA LYS A 39 0.24 -1.66 -10.58
C LYS A 39 0.62 -0.17 -10.61
N VAL A 40 -0.43 0.70 -10.68
CA VAL A 40 -0.28 2.16 -10.77
C VAL A 40 -1.36 2.87 -9.93
N ILE A 41 -1.16 4.18 -9.69
CA ILE A 41 -2.15 5.04 -9.03
C ILE A 41 -3.04 5.69 -10.10
N ILE A 42 -4.35 5.41 -9.99
CA ILE A 42 -5.41 5.96 -10.85
C ILE A 42 -5.72 7.40 -10.41
N ASP A 43 -5.77 8.31 -11.38
CA ASP A 43 -6.22 9.69 -11.18
C ASP A 43 -7.52 9.89 -11.97
N HIS A 44 -8.61 10.21 -11.25
CA HIS A 44 -9.89 10.58 -11.87
C HIS A 44 -10.65 11.49 -10.89
N ASN A 45 -11.14 12.64 -11.40
CA ASN A 45 -11.74 13.73 -10.60
C ASN A 45 -10.67 14.42 -9.71
N GLY A 46 -9.38 14.15 -10.02
CA GLY A 46 -8.26 14.58 -9.18
C GLY A 46 -8.05 13.69 -7.96
N GLN A 47 -8.81 12.60 -7.87
CA GLN A 47 -8.75 11.64 -6.75
C GLN A 47 -7.80 10.47 -7.12
N GLU A 48 -7.22 9.82 -6.09
CA GLU A 48 -6.16 8.81 -6.27
C GLU A 48 -6.56 7.46 -5.63
N TYR A 49 -6.40 6.36 -6.41
CA TYR A 49 -6.65 4.97 -5.93
C TYR A 49 -5.63 4.03 -6.58
N LEU A 50 -4.84 3.34 -5.76
CA LEU A 50 -3.77 2.43 -6.23
C LEU A 50 -4.41 1.08 -6.63
N LEU A 51 -4.49 0.80 -7.94
CA LEU A 51 -4.97 -0.49 -8.46
C LEU A 51 -3.76 -1.31 -8.90
N ARG A 52 -3.63 -2.50 -8.34
CA ARG A 52 -2.49 -3.38 -8.57
C ARG A 52 -2.97 -4.78 -8.96
N LYS A 53 -2.36 -5.33 -10.02
CA LYS A 53 -2.59 -6.72 -10.43
C LYS A 53 -1.76 -7.63 -9.53
N THR A 54 -2.45 -8.31 -8.60
CA THR A 54 -1.83 -9.29 -7.71
C THR A 54 -1.43 -10.52 -8.52
N GLN A 55 -0.29 -11.14 -8.16
CA GLN A 55 0.32 -12.28 -8.89
C GLN A 55 -0.46 -13.60 -8.70
N ALA A 56 -1.50 -13.55 -7.84
CA ALA A 56 -2.52 -14.63 -7.73
C ALA A 56 -3.54 -14.55 -8.90
N GLY A 57 -3.42 -13.47 -9.69
CA GLY A 57 -4.26 -13.25 -10.87
C GLY A 57 -5.49 -12.43 -10.58
N LYS A 58 -5.36 -11.42 -9.69
CA LYS A 58 -6.52 -10.60 -9.24
C LYS A 58 -6.22 -9.09 -9.36
N LEU A 59 -7.29 -8.28 -9.26
CA LEU A 59 -7.20 -6.80 -9.17
C LEU A 59 -7.46 -6.37 -7.72
N LEU A 60 -6.55 -5.57 -7.16
CA LEU A 60 -6.61 -5.12 -5.77
C LEU A 60 -6.65 -3.58 -5.76
N LEU A 61 -7.85 -3.01 -5.53
CA LEU A 61 -8.01 -1.56 -5.40
C LEU A 61 -7.80 -1.17 -3.94
N THR A 62 -6.71 -0.46 -3.69
CA THR A 62 -6.31 0.00 -2.35
C THR A 62 -6.18 1.53 -2.38
N LYS A 63 -6.67 2.19 -1.32
CA LYS A 63 -6.70 3.66 -1.22
C LYS A 63 -6.57 4.07 0.28
N MET A 1 32.57 -43.81 -6.41
CA MET A 1 32.35 -42.61 -5.58
C MET A 1 31.58 -43.00 -4.29
N SER A 2 32.09 -42.52 -3.13
CA SER A 2 31.46 -42.70 -1.82
C SER A 2 30.93 -41.33 -1.37
N ARG A 3 29.61 -41.16 -1.47
CA ARG A 3 28.93 -39.87 -1.21
C ARG A 3 27.78 -40.07 -0.22
N MET A 4 26.99 -41.16 -0.44
CA MET A 4 25.66 -41.38 0.18
C MET A 4 24.64 -40.35 -0.38
N ASP A 5 23.49 -40.22 0.30
CA ASP A 5 22.47 -39.22 -0.04
C ASP A 5 21.85 -38.70 1.26
N ASN A 6 22.59 -37.80 1.95
CA ASN A 6 22.19 -37.22 3.25
C ASN A 6 22.41 -35.70 3.24
N THR A 7 21.49 -34.99 2.57
CA THR A 7 21.42 -33.51 2.59
C THR A 7 20.34 -33.08 3.60
N GLU A 8 20.48 -31.87 4.14
CA GLU A 8 19.55 -31.29 5.13
C GLU A 8 18.18 -31.00 4.47
N LEU A 9 17.12 -30.98 5.31
CA LEU A 9 15.73 -30.77 4.85
C LEU A 9 15.58 -29.39 4.17
N PRO A 10 15.19 -29.33 2.85
CA PRO A 10 15.10 -28.06 2.08
C PRO A 10 14.15 -27.02 2.72
N HIS A 11 14.74 -26.05 3.45
CA HIS A 11 14.02 -24.92 4.03
C HIS A 11 13.70 -23.90 2.92
N PRO A 12 12.41 -23.71 2.54
CA PRO A 12 12.01 -22.79 1.47
C PRO A 12 11.73 -21.36 2.00
N LYS A 13 11.47 -20.45 1.06
CA LYS A 13 11.05 -19.07 1.34
C LYS A 13 9.81 -18.78 0.48
N GLU A 14 8.68 -18.58 1.16
CA GLU A 14 7.41 -18.20 0.52
C GLU A 14 7.28 -16.66 0.49
N ILE A 15 6.86 -16.13 -0.66
CA ILE A 15 6.63 -14.69 -0.87
C ILE A 15 5.16 -14.50 -1.26
N ASP A 16 4.45 -13.66 -0.50
CA ASP A 16 3.04 -13.32 -0.75
C ASP A 16 2.96 -11.89 -1.32
N ASN A 17 1.96 -11.63 -2.18
CA ASN A 17 1.70 -10.30 -2.74
C ASN A 17 0.90 -9.47 -1.70
N GLU A 18 1.62 -9.00 -0.69
CA GLU A 18 1.11 -8.12 0.39
C GLU A 18 2.17 -7.06 0.74
N THR A 19 3.13 -6.86 -0.20
CA THR A 19 4.28 -5.96 -0.05
C THR A 19 3.85 -4.53 0.36
N LEU A 20 4.57 -3.96 1.35
CA LEU A 20 4.29 -2.60 1.87
C LEU A 20 4.53 -1.51 0.81
N LEU A 21 4.11 -0.27 1.14
CA LEU A 21 4.17 0.91 0.23
C LEU A 21 3.14 0.75 -0.94
N PRO A 22 2.81 1.86 -1.69
CA PRO A 22 2.12 1.73 -3.01
C PRO A 22 2.90 0.77 -3.95
N ALA A 23 2.16 -0.07 -4.70
CA ALA A 23 2.77 -1.06 -5.64
C ALA A 23 3.64 -0.37 -6.71
N ALA A 24 3.27 0.88 -7.03
CA ALA A 24 4.08 1.82 -7.81
C ALA A 24 3.53 3.24 -7.57
N GLU A 25 4.43 4.24 -7.49
CA GLU A 25 4.06 5.65 -7.30
C GLU A 25 3.86 6.37 -8.66
N ARG A 26 3.39 5.60 -9.65
CA ARG A 26 3.14 6.07 -11.02
C ARG A 26 1.74 6.71 -11.10
N ARG A 27 1.68 8.04 -10.96
CA ARG A 27 0.43 8.81 -11.10
C ARG A 27 0.10 8.96 -12.59
N VAL A 28 -0.89 8.20 -13.05
CA VAL A 28 -1.49 8.33 -14.38
C VAL A 28 -2.99 8.59 -14.23
N ASN A 29 -3.60 9.15 -15.29
CA ASN A 29 -5.08 9.28 -15.39
C ASN A 29 -5.73 7.88 -15.43
N SER A 30 -6.99 7.80 -15.01
CA SER A 30 -7.78 6.55 -14.87
C SER A 30 -7.83 5.70 -16.17
N GLN A 31 -7.60 6.34 -17.34
CA GLN A 31 -7.54 5.65 -18.65
C GLN A 31 -6.47 4.53 -18.63
N ALA A 32 -5.34 4.82 -17.96
CA ALA A 32 -4.23 3.88 -17.78
C ALA A 32 -4.23 3.30 -16.35
N LEU A 33 -5.45 2.97 -15.83
CA LEU A 33 -5.67 2.36 -14.48
C LEU A 33 -4.78 1.12 -14.18
N LEU A 34 -4.23 0.49 -15.24
CA LEU A 34 -3.17 -0.53 -15.14
C LEU A 34 -1.97 -0.11 -16.00
N GLY A 35 -2.25 0.09 -17.30
CA GLY A 35 -1.23 0.37 -18.30
C GLY A 35 -0.34 -0.84 -18.59
N PRO A 36 0.93 -0.64 -19.05
CA PRO A 36 1.93 -1.74 -19.15
C PRO A 36 2.51 -2.11 -17.76
N ASP A 37 2.33 -1.19 -16.78
CA ASP A 37 2.83 -1.34 -15.41
C ASP A 37 2.06 -2.43 -14.66
N GLY A 38 0.72 -2.43 -14.88
CA GLY A 38 -0.18 -3.38 -14.23
C GLY A 38 -0.50 -3.05 -12.77
N LYS A 39 0.17 -2.02 -12.24
CA LYS A 39 0.04 -1.55 -10.85
C LYS A 39 0.44 -0.07 -10.78
N VAL A 40 -0.55 0.83 -10.64
CA VAL A 40 -0.32 2.29 -10.70
C VAL A 40 -1.25 3.04 -9.72
N ILE A 41 -0.94 4.33 -9.56
CA ILE A 41 -1.80 5.30 -8.87
C ILE A 41 -2.74 5.95 -9.90
N ILE A 42 -4.03 5.60 -9.77
CA ILE A 42 -5.12 6.09 -10.63
C ILE A 42 -5.47 7.53 -10.22
N ASP A 43 -5.59 8.44 -11.19
CA ASP A 43 -6.23 9.76 -10.99
C ASP A 43 -7.61 9.69 -11.65
N HIS A 44 -8.65 9.64 -10.83
CA HIS A 44 -10.05 9.52 -11.28
C HIS A 44 -10.84 10.69 -10.69
N ASN A 45 -11.00 11.75 -11.50
CA ASN A 45 -11.72 12.98 -11.14
C ASN A 45 -11.04 13.65 -9.90
N GLY A 46 -9.69 13.67 -9.94
CA GLY A 46 -8.86 14.22 -8.87
C GLY A 46 -8.57 13.24 -7.73
N GLN A 47 -9.36 12.16 -7.63
CA GLN A 47 -9.27 11.16 -6.54
C GLN A 47 -8.19 10.11 -6.88
N GLU A 48 -7.14 10.02 -6.04
CA GLU A 48 -6.03 9.06 -6.25
C GLU A 48 -6.34 7.70 -5.58
N TYR A 49 -6.11 6.60 -6.32
CA TYR A 49 -6.21 5.22 -5.79
C TYR A 49 -4.95 4.45 -6.20
N LEU A 50 -4.84 3.19 -5.77
CA LEU A 50 -3.74 2.28 -6.16
C LEU A 50 -4.41 0.95 -6.60
N LEU A 51 -4.39 0.67 -7.92
CA LEU A 51 -4.91 -0.61 -8.47
C LEU A 51 -3.70 -1.47 -8.83
N ARG A 52 -3.64 -2.70 -8.28
CA ARG A 52 -2.52 -3.60 -8.50
C ARG A 52 -3.01 -4.96 -9.02
N LYS A 53 -2.30 -5.52 -10.02
CA LYS A 53 -2.49 -6.90 -10.47
C LYS A 53 -1.75 -7.82 -9.48
N THR A 54 -2.51 -8.41 -8.55
CA THR A 54 -1.97 -9.35 -7.55
C THR A 54 -1.55 -10.65 -8.25
N GLN A 55 -0.52 -11.31 -7.68
CA GLN A 55 0.19 -12.46 -8.29
C GLN A 55 -0.64 -13.77 -8.29
N ALA A 56 -1.77 -13.76 -7.58
CA ALA A 56 -2.78 -14.85 -7.63
C ALA A 56 -3.63 -14.74 -8.92
N GLY A 57 -3.55 -13.57 -9.58
CA GLY A 57 -4.24 -13.29 -10.83
C GLY A 57 -5.50 -12.45 -10.60
N LYS A 58 -5.39 -11.41 -9.75
CA LYS A 58 -6.56 -10.57 -9.36
C LYS A 58 -6.21 -9.07 -9.43
N LEU A 59 -7.22 -8.23 -9.08
CA LEU A 59 -7.11 -6.76 -9.03
C LEU A 59 -7.50 -6.25 -7.64
N LEU A 60 -6.64 -5.41 -7.06
CA LEU A 60 -6.86 -4.81 -5.73
C LEU A 60 -6.80 -3.28 -5.85
N LEU A 61 -7.99 -2.64 -5.78
CA LEU A 61 -8.17 -1.19 -5.85
C LEU A 61 -8.28 -0.68 -4.40
N THR A 62 -7.17 -0.14 -3.90
CA THR A 62 -7.05 0.34 -2.51
C THR A 62 -6.45 1.76 -2.50
N LYS A 63 -7.03 2.65 -1.69
CA LYS A 63 -6.63 4.07 -1.60
C LYS A 63 -6.21 4.39 -0.14
N MET A 1 -5.04 16.53 56.03
CA MET A 1 -5.99 15.55 55.47
C MET A 1 -5.22 14.29 55.03
N SER A 2 -5.79 13.10 55.32
CA SER A 2 -5.20 11.82 54.91
C SER A 2 -5.38 11.59 53.40
N ARG A 3 -4.40 10.90 52.79
CA ARG A 3 -4.40 10.56 51.36
C ARG A 3 -3.57 9.29 51.17
N MET A 4 -4.25 8.15 50.96
CA MET A 4 -3.60 6.85 50.71
C MET A 4 -3.07 6.83 49.25
N ASP A 5 -1.81 7.27 49.08
CA ASP A 5 -1.14 7.32 47.76
C ASP A 5 -0.94 5.90 47.20
N ASN A 6 -1.68 5.58 46.13
CA ASN A 6 -1.63 4.25 45.47
C ASN A 6 -0.48 4.20 44.46
N THR A 7 -0.06 2.98 44.11
CA THR A 7 0.96 2.75 43.08
C THR A 7 0.36 2.94 41.67
N GLU A 8 1.10 3.64 40.78
CA GLU A 8 0.67 3.91 39.39
C GLU A 8 1.06 2.76 38.45
N LEU A 9 0.75 2.92 37.16
CA LEU A 9 0.99 1.90 36.12
C LEU A 9 2.47 1.87 35.67
N PRO A 10 3.01 0.67 35.27
CA PRO A 10 4.39 0.54 34.68
C PRO A 10 4.57 1.31 33.35
N HIS A 11 5.82 1.31 32.84
CA HIS A 11 6.18 1.97 31.57
C HIS A 11 5.58 1.19 30.37
N PRO A 12 5.01 1.90 29.33
CA PRO A 12 4.43 1.23 28.13
C PRO A 12 5.51 0.73 27.15
N LYS A 13 5.09 0.32 25.95
CA LYS A 13 6.02 -0.02 24.83
C LYS A 13 6.00 1.12 23.80
N GLU A 14 6.98 1.14 22.90
CA GLU A 14 6.99 2.00 21.71
C GLU A 14 5.93 1.50 20.69
N ILE A 15 5.56 2.36 19.72
CA ILE A 15 4.57 2.02 18.67
C ILE A 15 5.25 1.16 17.58
N ASP A 16 4.54 0.12 17.10
CA ASP A 16 5.00 -0.77 16.04
C ASP A 16 4.31 -0.39 14.72
N ASN A 17 5.11 0.06 13.72
CA ASN A 17 4.58 0.49 12.41
C ASN A 17 5.26 -0.29 11.27
N GLU A 18 4.49 -1.18 10.62
CA GLU A 18 4.98 -2.09 9.57
C GLU A 18 4.26 -1.82 8.23
N THR A 19 3.86 -0.54 8.04
CA THR A 19 3.08 -0.09 6.86
C THR A 19 3.90 -0.28 5.56
N LEU A 20 3.35 -1.12 4.65
CA LEU A 20 3.96 -1.39 3.34
C LEU A 20 3.82 -0.17 2.41
N LEU A 21 4.62 -0.17 1.34
CA LEU A 21 4.58 0.87 0.30
C LEU A 21 3.46 0.56 -0.71
N PRO A 22 2.88 1.60 -1.42
CA PRO A 22 1.99 1.37 -2.58
C PRO A 22 2.71 0.60 -3.70
N ALA A 23 1.95 -0.21 -4.46
CA ALA A 23 2.49 -1.07 -5.53
C ALA A 23 3.26 -0.24 -6.58
N ALA A 24 2.74 0.96 -6.84
CA ALA A 24 3.41 2.00 -7.65
C ALA A 24 2.95 3.37 -7.19
N GLU A 25 3.73 4.41 -7.55
CA GLU A 25 3.34 5.82 -7.34
C GLU A 25 3.16 6.51 -8.70
N ARG A 26 2.90 5.69 -9.75
CA ARG A 26 2.72 6.16 -11.12
C ARG A 26 1.31 6.78 -11.27
N ARG A 27 1.22 8.08 -10.98
CA ARG A 27 -0.05 8.82 -11.00
C ARG A 27 -0.46 9.13 -12.45
N VAL A 28 -1.17 8.18 -13.03
CA VAL A 28 -1.71 8.26 -14.41
C VAL A 28 -3.24 8.24 -14.35
N ASN A 29 -3.89 8.72 -15.43
CA ASN A 29 -5.35 8.79 -15.56
C ASN A 29 -6.02 7.39 -15.45
N SER A 30 -7.35 7.38 -15.17
CA SER A 30 -8.16 6.15 -15.06
C SER A 30 -8.08 5.25 -16.32
N GLN A 31 -7.87 5.86 -17.51
CA GLN A 31 -7.71 5.09 -18.78
C GLN A 31 -6.46 4.18 -18.75
N ALA A 32 -5.44 4.62 -18.00
CA ALA A 32 -4.19 3.86 -17.78
C ALA A 32 -4.19 3.23 -16.37
N LEU A 33 -5.38 2.82 -15.88
CA LEU A 33 -5.60 2.20 -14.52
C LEU A 33 -4.65 1.04 -14.16
N LEU A 34 -3.98 0.44 -15.16
CA LEU A 34 -2.94 -0.58 -14.93
C LEU A 34 -1.63 -0.19 -15.62
N GLY A 35 -1.78 0.33 -16.84
CA GLY A 35 -0.64 0.72 -17.68
C GLY A 35 0.20 -0.48 -18.12
N PRO A 36 1.46 -0.27 -18.60
CA PRO A 36 2.41 -1.38 -18.90
C PRO A 36 2.91 -2.07 -17.62
N ASP A 37 2.71 -1.41 -16.47
CA ASP A 37 3.16 -1.88 -15.14
C ASP A 37 2.26 -3.00 -14.62
N GLY A 38 0.94 -2.84 -14.82
CA GLY A 38 -0.07 -3.70 -14.17
C GLY A 38 -0.47 -3.19 -12.80
N LYS A 39 0.22 -2.14 -12.32
CA LYS A 39 -0.01 -1.52 -11.01
C LYS A 39 0.37 -0.02 -11.09
N VAL A 40 -0.58 0.87 -10.77
CA VAL A 40 -0.38 2.35 -10.82
C VAL A 40 -1.32 3.04 -9.81
N ILE A 41 -1.13 4.37 -9.63
CA ILE A 41 -2.09 5.23 -8.93
C ILE A 41 -3.03 5.86 -9.98
N ILE A 42 -4.32 5.52 -9.87
CA ILE A 42 -5.39 6.03 -10.71
C ILE A 42 -5.74 7.47 -10.29
N ASP A 43 -5.63 8.37 -11.26
CA ASP A 43 -6.10 9.75 -11.17
C ASP A 43 -7.49 9.81 -11.83
N HIS A 44 -8.49 10.24 -11.06
CA HIS A 44 -9.87 10.35 -11.53
C HIS A 44 -10.64 11.35 -10.65
N ASN A 45 -11.10 12.45 -11.30
CA ASN A 45 -11.88 13.54 -10.66
C ASN A 45 -11.02 14.33 -9.64
N GLY A 46 -9.68 14.19 -9.73
CA GLY A 46 -8.73 14.81 -8.79
C GLY A 46 -8.35 13.91 -7.63
N GLN A 47 -9.02 12.73 -7.56
CA GLN A 47 -8.80 11.73 -6.50
C GLN A 47 -7.71 10.74 -6.94
N GLU A 48 -7.08 10.09 -5.95
CA GLU A 48 -5.97 9.14 -6.18
C GLU A 48 -6.25 7.82 -5.43
N TYR A 49 -6.21 6.68 -6.16
CA TYR A 49 -6.40 5.33 -5.58
C TYR A 49 -5.47 4.32 -6.28
N LEU A 50 -4.83 3.44 -5.50
CA LEU A 50 -3.85 2.45 -6.00
C LEU A 50 -4.61 1.19 -6.49
N LEU A 51 -4.39 0.80 -7.75
CA LEU A 51 -4.89 -0.49 -8.30
C LEU A 51 -3.70 -1.32 -8.75
N ARG A 52 -3.71 -2.61 -8.42
CA ARG A 52 -2.62 -3.53 -8.76
C ARG A 52 -3.15 -4.89 -9.22
N LYS A 53 -2.46 -5.51 -10.20
CA LYS A 53 -2.71 -6.89 -10.62
C LYS A 53 -1.96 -7.83 -9.66
N THR A 54 -2.70 -8.38 -8.68
CA THR A 54 -2.15 -9.33 -7.69
C THR A 54 -1.69 -10.60 -8.42
N GLN A 55 -0.54 -11.16 -8.02
CA GLN A 55 0.07 -12.33 -8.71
C GLN A 55 -0.69 -13.66 -8.42
N ALA A 56 -1.79 -13.56 -7.63
CA ALA A 56 -2.80 -14.62 -7.50
C ALA A 56 -3.63 -14.76 -8.81
N GLY A 57 -3.58 -13.69 -9.63
CA GLY A 57 -4.30 -13.61 -10.90
C GLY A 57 -5.53 -12.72 -10.80
N LYS A 58 -5.44 -11.67 -9.96
CA LYS A 58 -6.58 -10.77 -9.62
C LYS A 58 -6.17 -9.30 -9.67
N LEU A 59 -7.13 -8.42 -9.34
CA LEU A 59 -6.90 -6.98 -9.10
C LEU A 59 -7.04 -6.66 -7.59
N LEU A 60 -6.58 -5.47 -7.18
CA LEU A 60 -6.74 -4.98 -5.80
C LEU A 60 -6.77 -3.44 -5.81
N LEU A 61 -7.97 -2.86 -5.60
CA LEU A 61 -8.15 -1.39 -5.52
C LEU A 61 -8.07 -0.99 -4.04
N THR A 62 -6.90 -0.47 -3.66
CA THR A 62 -6.66 0.13 -2.35
C THR A 62 -6.64 1.67 -2.50
N LYS A 63 -6.75 2.37 -1.36
CA LYS A 63 -6.69 3.85 -1.33
C LYS A 63 -5.22 4.29 -1.13
N MET A 1 -1.75 -13.28 52.32
CA MET A 1 -2.77 -13.80 51.39
C MET A 1 -2.32 -13.60 49.94
N SER A 2 -1.69 -14.66 49.36
CA SER A 2 -1.33 -14.73 47.93
C SER A 2 -0.32 -13.63 47.49
N ARG A 3 0.35 -12.97 48.46
CA ARG A 3 1.28 -11.84 48.21
C ARG A 3 2.74 -12.29 48.01
N MET A 4 3.04 -13.56 48.34
CA MET A 4 4.38 -14.16 48.09
C MET A 4 4.68 -14.16 46.59
N ASP A 5 3.63 -14.40 45.80
CA ASP A 5 3.63 -14.25 44.35
C ASP A 5 2.35 -13.50 43.95
N ASN A 6 2.48 -12.17 43.80
CA ASN A 6 1.37 -11.28 43.43
C ASN A 6 1.77 -10.48 42.18
N THR A 7 0.79 -9.95 41.44
CA THR A 7 1.02 -9.21 40.19
C THR A 7 1.72 -7.85 40.46
N GLU A 8 3.00 -7.76 40.05
CA GLU A 8 3.77 -6.51 40.05
C GLU A 8 3.33 -5.64 38.84
N LEU A 9 3.60 -4.32 38.90
CA LEU A 9 3.23 -3.36 37.83
C LEU A 9 3.91 -3.74 36.49
N PRO A 10 3.12 -4.21 35.46
CA PRO A 10 3.67 -4.56 34.14
C PRO A 10 3.60 -3.36 33.14
N HIS A 11 4.32 -3.50 32.02
CA HIS A 11 4.39 -2.48 30.96
C HIS A 11 4.56 -3.16 29.58
N PRO A 12 3.51 -3.11 28.68
CA PRO A 12 3.62 -3.63 27.30
C PRO A 12 4.48 -2.70 26.40
N LYS A 13 5.05 -3.28 25.35
CA LYS A 13 5.90 -2.58 24.39
C LYS A 13 5.16 -2.37 23.06
N GLU A 14 5.85 -1.74 22.08
CA GLU A 14 5.27 -1.36 20.77
C GLU A 14 5.15 -2.62 19.89
N ILE A 15 3.95 -3.23 19.89
CA ILE A 15 3.66 -4.48 19.17
C ILE A 15 3.68 -4.23 17.66
N ASP A 16 4.74 -4.77 16.99
CA ASP A 16 4.91 -4.79 15.52
C ASP A 16 5.19 -3.39 14.93
N ASN A 17 6.12 -3.33 13.95
CA ASN A 17 6.55 -2.07 13.30
C ASN A 17 6.75 -2.27 11.77
N GLU A 18 6.01 -3.24 11.17
CA GLU A 18 6.14 -3.55 9.72
C GLU A 18 5.58 -2.41 8.84
N THR A 19 6.37 -2.00 7.83
CA THR A 19 5.94 -1.04 6.81
C THR A 19 5.96 -1.73 5.44
N LEU A 20 4.75 -1.97 4.87
CA LEU A 20 4.61 -2.63 3.57
C LEU A 20 5.07 -1.71 2.43
N LEU A 21 5.42 -2.34 1.31
CA LEU A 21 6.05 -1.67 0.18
C LEU A 21 4.98 -1.04 -0.74
N PRO A 22 5.01 0.31 -1.00
CA PRO A 22 4.11 0.95 -1.99
C PRO A 22 4.38 0.39 -3.41
N ALA A 23 3.34 -0.24 -4.01
CA ALA A 23 3.44 -0.95 -5.31
C ALA A 23 4.06 -0.06 -6.42
N ALA A 24 3.55 1.17 -6.51
CA ALA A 24 4.00 2.18 -7.47
C ALA A 24 3.43 3.55 -7.10
N GLU A 25 4.22 4.63 -7.23
CA GLU A 25 3.70 6.02 -7.13
C GLU A 25 3.40 6.57 -8.54
N ARG A 26 3.14 5.62 -9.47
CA ARG A 26 2.81 5.87 -10.88
C ARG A 26 1.39 6.51 -11.01
N ARG A 27 1.31 7.82 -10.73
CA ARG A 27 0.05 8.57 -10.71
C ARG A 27 -0.34 8.96 -12.15
N VAL A 28 -1.13 8.07 -12.78
CA VAL A 28 -1.61 8.21 -14.18
C VAL A 28 -3.14 8.17 -14.21
N ASN A 29 -3.74 8.79 -15.24
CA ASN A 29 -5.22 8.86 -15.40
C ASN A 29 -5.84 7.45 -15.52
N SER A 30 -7.12 7.34 -15.18
CA SER A 30 -7.90 6.09 -15.13
C SER A 30 -7.84 5.23 -16.42
N GLN A 31 -7.58 5.84 -17.59
CA GLN A 31 -7.46 5.07 -18.86
C GLN A 31 -6.20 4.16 -18.84
N ALA A 32 -5.21 4.55 -18.04
CA ALA A 32 -3.98 3.77 -17.77
C ALA A 32 -4.01 3.18 -16.34
N LEU A 33 -5.24 2.83 -15.86
CA LEU A 33 -5.47 2.20 -14.52
C LEU A 33 -4.57 0.97 -14.23
N LEU A 34 -3.98 0.37 -15.28
CA LEU A 34 -2.95 -0.67 -15.16
C LEU A 34 -1.71 -0.26 -15.97
N GLY A 35 -1.94 0.13 -17.23
CA GLY A 35 -0.88 0.55 -18.15
C GLY A 35 0.14 -0.53 -18.47
N PRO A 36 1.42 -0.16 -18.81
CA PRO A 36 2.52 -1.14 -19.00
C PRO A 36 3.05 -1.71 -17.67
N ASP A 37 2.71 -1.02 -16.57
CA ASP A 37 3.17 -1.34 -15.21
C ASP A 37 2.39 -2.55 -14.65
N GLY A 38 1.09 -2.57 -14.96
CA GLY A 38 0.14 -3.53 -14.39
C GLY A 38 -0.28 -3.17 -12.96
N LYS A 39 0.26 -2.05 -12.43
CA LYS A 39 0.06 -1.61 -11.05
C LYS A 39 0.45 -0.12 -10.94
N VAL A 40 -0.57 0.75 -10.83
CA VAL A 40 -0.40 2.21 -10.83
C VAL A 40 -1.32 2.84 -9.76
N ILE A 41 -1.13 4.15 -9.50
CA ILE A 41 -2.10 4.98 -8.80
C ILE A 41 -3.02 5.62 -9.85
N ILE A 42 -4.28 5.15 -9.88
CA ILE A 42 -5.34 5.70 -10.73
C ILE A 42 -5.61 7.16 -10.33
N ASP A 43 -5.68 8.04 -11.33
CA ASP A 43 -6.03 9.45 -11.15
C ASP A 43 -7.34 9.68 -11.92
N HIS A 44 -8.40 10.12 -11.22
CA HIS A 44 -9.73 10.31 -11.83
C HIS A 44 -10.61 11.24 -10.96
N ASN A 45 -11.00 12.38 -11.56
CA ASN A 45 -11.99 13.34 -11.02
C ASN A 45 -11.59 13.84 -9.60
N GLY A 46 -10.34 14.29 -9.49
CA GLY A 46 -9.80 14.84 -8.25
C GLY A 46 -9.29 13.78 -7.26
N GLN A 47 -9.73 12.51 -7.43
CA GLN A 47 -9.43 11.41 -6.49
C GLN A 47 -8.38 10.47 -7.07
N GLU A 48 -7.49 9.93 -6.21
CA GLU A 48 -6.42 9.01 -6.63
C GLU A 48 -6.34 7.80 -5.68
N TYR A 49 -6.14 6.60 -6.27
CA TYR A 49 -6.18 5.30 -5.56
C TYR A 49 -5.28 4.27 -6.26
N LEU A 50 -4.50 3.51 -5.47
CA LEU A 50 -3.55 2.49 -5.97
C LEU A 50 -4.31 1.24 -6.44
N LEU A 51 -4.30 0.96 -7.75
CA LEU A 51 -4.78 -0.32 -8.30
C LEU A 51 -3.58 -1.17 -8.68
N ARG A 52 -3.64 -2.48 -8.41
CA ARG A 52 -2.60 -3.40 -8.80
C ARG A 52 -3.18 -4.74 -9.26
N LYS A 53 -2.50 -5.36 -10.23
CA LYS A 53 -2.76 -6.76 -10.61
C LYS A 53 -2.08 -7.66 -9.58
N THR A 54 -2.91 -8.31 -8.72
CA THR A 54 -2.43 -9.31 -7.78
C THR A 54 -1.95 -10.53 -8.61
N GLN A 55 -0.73 -11.01 -8.33
CA GLN A 55 -0.13 -12.17 -9.05
C GLN A 55 -0.94 -13.46 -8.80
N ALA A 56 -1.74 -13.46 -7.71
CA ALA A 56 -2.72 -14.53 -7.40
C ALA A 56 -3.76 -14.67 -8.54
N GLY A 57 -3.95 -13.57 -9.29
CA GLY A 57 -4.80 -13.55 -10.49
C GLY A 57 -6.03 -12.70 -10.32
N LYS A 58 -5.85 -11.51 -9.70
CA LYS A 58 -6.97 -10.58 -9.41
C LYS A 58 -6.51 -9.11 -9.56
N LEU A 59 -7.41 -8.18 -9.20
CA LEU A 59 -7.11 -6.74 -9.05
C LEU A 59 -7.34 -6.35 -7.57
N LEU A 60 -6.48 -5.46 -7.05
CA LEU A 60 -6.62 -4.92 -5.69
C LEU A 60 -6.63 -3.39 -5.76
N LEU A 61 -7.81 -2.78 -5.53
CA LEU A 61 -7.95 -1.33 -5.43
C LEU A 61 -7.79 -0.97 -3.94
N THR A 62 -6.86 -0.05 -3.68
CA THR A 62 -6.50 0.41 -2.33
C THR A 62 -6.24 1.93 -2.39
N LYS A 63 -6.13 2.57 -1.22
CA LYS A 63 -5.72 3.98 -1.10
C LYS A 63 -4.18 4.06 -1.27
N MET A 1 21.75 -3.76 56.83
CA MET A 1 20.86 -2.66 56.39
C MET A 1 21.34 -2.14 55.03
N SER A 2 20.59 -2.51 53.97
CA SER A 2 20.83 -2.09 52.59
C SER A 2 19.50 -2.19 51.82
N ARG A 3 19.36 -1.40 50.75
CA ARG A 3 18.17 -1.43 49.86
C ARG A 3 18.43 -2.37 48.67
N MET A 4 19.72 -2.71 48.46
CA MET A 4 20.20 -3.58 47.36
C MET A 4 19.99 -2.94 45.98
N ASP A 5 20.64 -3.54 44.97
CA ASP A 5 20.55 -3.10 43.56
C ASP A 5 20.22 -4.31 42.68
N ASN A 6 19.54 -4.05 41.56
CA ASN A 6 19.10 -5.09 40.60
C ASN A 6 18.79 -4.41 39.25
N THR A 7 19.08 -5.13 38.15
CA THR A 7 18.82 -4.63 36.79
C THR A 7 17.33 -4.75 36.44
N GLU A 8 16.84 -3.80 35.63
CA GLU A 8 15.42 -3.72 35.24
C GLU A 8 15.21 -4.31 33.83
N LEU A 9 13.93 -4.47 33.46
CA LEU A 9 13.50 -5.03 32.17
C LEU A 9 13.66 -3.98 31.04
N PRO A 10 13.87 -4.39 29.75
CA PRO A 10 14.05 -3.45 28.61
C PRO A 10 12.72 -2.82 28.12
N HIS A 11 12.84 -1.87 27.18
CA HIS A 11 11.69 -1.23 26.51
C HIS A 11 10.94 -2.24 25.61
N PRO A 12 9.56 -2.18 25.54
CA PRO A 12 8.75 -3.06 24.66
C PRO A 12 9.09 -2.85 23.16
N LYS A 13 9.18 -3.95 22.42
CA LYS A 13 9.53 -3.95 20.99
C LYS A 13 8.30 -3.61 20.11
N GLU A 14 8.55 -2.97 18.95
CA GLU A 14 7.50 -2.62 17.98
C GLU A 14 7.00 -3.89 17.24
N ILE A 15 5.69 -3.94 16.93
CA ILE A 15 5.05 -5.17 16.37
C ILE A 15 4.90 -5.10 14.84
N ASP A 16 4.65 -3.88 14.31
CA ASP A 16 4.33 -3.64 12.88
C ASP A 16 5.41 -4.21 11.92
N ASN A 17 4.92 -4.86 10.85
CA ASN A 17 5.75 -5.39 9.75
C ASN A 17 4.87 -5.38 8.47
N GLU A 18 3.91 -4.43 8.44
CA GLU A 18 2.80 -4.44 7.45
C GLU A 18 2.77 -3.19 6.58
N THR A 19 3.22 -2.04 7.13
CA THR A 19 3.23 -0.76 6.42
C THR A 19 4.44 -0.67 5.44
N LEU A 20 4.40 -1.53 4.41
CA LEU A 20 5.44 -1.62 3.37
C LEU A 20 5.12 -0.64 2.24
N LEU A 21 6.08 -0.44 1.33
CA LEU A 21 5.93 0.48 0.19
C LEU A 21 4.83 -0.02 -0.78
N PRO A 22 4.00 0.91 -1.38
CA PRO A 22 2.93 0.55 -2.36
C PRO A 22 3.45 -0.26 -3.56
N ALA A 23 2.53 -0.88 -4.31
CA ALA A 23 2.88 -1.63 -5.55
C ALA A 23 3.53 -0.69 -6.58
N ALA A 24 3.08 0.56 -6.59
CA ALA A 24 3.61 1.62 -7.44
C ALA A 24 3.20 3.00 -6.90
N GLU A 25 3.74 4.04 -7.51
CA GLU A 25 3.35 5.43 -7.24
C GLU A 25 3.35 6.24 -8.56
N ARG A 26 2.90 5.56 -9.64
CA ARG A 26 2.70 6.17 -10.96
C ARG A 26 1.32 6.89 -11.01
N ARG A 27 1.33 8.21 -10.75
CA ARG A 27 0.11 9.05 -10.80
C ARG A 27 -0.26 9.33 -12.28
N VAL A 28 -1.15 8.51 -12.83
CA VAL A 28 -1.70 8.67 -14.18
C VAL A 28 -3.22 8.55 -14.14
N ASN A 29 -3.87 9.11 -15.16
CA ASN A 29 -5.35 9.10 -15.30
C ASN A 29 -5.88 7.65 -15.41
N SER A 30 -7.18 7.47 -15.10
CA SER A 30 -7.88 6.16 -15.09
C SER A 30 -7.75 5.37 -16.42
N GLN A 31 -7.49 6.09 -17.54
CA GLN A 31 -7.24 5.46 -18.85
C GLN A 31 -6.06 4.46 -18.79
N ALA A 32 -5.00 4.84 -18.03
CA ALA A 32 -3.81 4.01 -17.82
C ALA A 32 -3.83 3.37 -16.42
N LEU A 33 -5.05 2.98 -15.95
CA LEU A 33 -5.29 2.34 -14.63
C LEU A 33 -4.40 1.09 -14.37
N LEU A 34 -3.92 0.45 -15.44
CA LEU A 34 -2.97 -0.68 -15.34
C LEU A 34 -1.80 -0.44 -16.29
N GLY A 35 -2.07 -0.52 -17.59
CA GLY A 35 -1.03 -0.48 -18.63
C GLY A 35 -0.15 -1.74 -18.60
N PRO A 36 1.07 -1.69 -19.23
CA PRO A 36 2.09 -2.77 -19.08
C PRO A 36 2.70 -2.81 -17.67
N ASP A 37 2.44 -1.75 -16.86
CA ASP A 37 2.84 -1.66 -15.45
C ASP A 37 2.07 -2.69 -14.63
N GLY A 38 0.73 -2.68 -14.81
CA GLY A 38 -0.19 -3.56 -14.08
C GLY A 38 -0.45 -3.09 -12.65
N LYS A 39 0.12 -1.93 -12.28
CA LYS A 39 0.05 -1.36 -10.93
C LYS A 39 0.39 0.13 -11.01
N VAL A 40 -0.62 1.01 -10.78
CA VAL A 40 -0.43 2.49 -10.83
C VAL A 40 -1.36 3.18 -9.81
N ILE A 41 -1.12 4.48 -9.56
CA ILE A 41 -2.06 5.37 -8.86
C ILE A 41 -2.98 6.03 -9.90
N ILE A 42 -4.25 5.60 -9.92
CA ILE A 42 -5.31 6.14 -10.79
C ILE A 42 -5.65 7.56 -10.34
N ASP A 43 -5.77 8.45 -11.32
CA ASP A 43 -6.22 9.84 -11.12
C ASP A 43 -7.56 10.03 -11.86
N HIS A 44 -8.57 10.52 -11.14
CA HIS A 44 -9.88 10.90 -11.70
C HIS A 44 -10.66 11.75 -10.68
N ASN A 45 -11.07 12.98 -11.11
CA ASN A 45 -11.95 13.90 -10.33
C ASN A 45 -11.21 14.41 -9.07
N GLY A 46 -9.86 14.46 -9.15
CA GLY A 46 -9.00 14.85 -8.03
C GLY A 46 -8.89 13.77 -6.95
N GLN A 47 -9.29 12.53 -7.31
CA GLN A 47 -9.28 11.37 -6.39
C GLN A 47 -8.28 10.33 -6.92
N GLU A 48 -7.44 9.82 -6.01
CA GLU A 48 -6.32 8.91 -6.33
C GLU A 48 -6.55 7.52 -5.67
N TYR A 49 -6.36 6.44 -6.46
CA TYR A 49 -6.55 5.04 -5.96
C TYR A 49 -5.44 4.14 -6.54
N LEU A 50 -4.70 3.43 -5.69
CA LEU A 50 -3.65 2.48 -6.11
C LEU A 50 -4.32 1.15 -6.54
N LEU A 51 -4.38 0.89 -7.86
CA LEU A 51 -4.88 -0.40 -8.39
C LEU A 51 -3.67 -1.23 -8.80
N ARG A 52 -3.66 -2.50 -8.37
CA ARG A 52 -2.53 -3.42 -8.58
C ARG A 52 -3.06 -4.82 -8.95
N LYS A 53 -2.36 -5.47 -9.91
CA LYS A 53 -2.64 -6.85 -10.29
C LYS A 53 -1.89 -7.78 -9.33
N THR A 54 -2.64 -8.51 -8.50
CA THR A 54 -2.07 -9.43 -7.52
C THR A 54 -1.54 -10.68 -8.23
N GLN A 55 -0.47 -11.28 -7.68
CA GLN A 55 0.22 -12.46 -8.27
C GLN A 55 -0.65 -13.74 -8.21
N ALA A 56 -1.80 -13.68 -7.50
CA ALA A 56 -2.84 -14.73 -7.53
C ALA A 56 -3.68 -14.67 -8.83
N GLY A 57 -3.39 -13.65 -9.68
CA GLY A 57 -4.08 -13.45 -10.96
C GLY A 57 -5.35 -12.64 -10.80
N LYS A 58 -5.28 -11.62 -9.92
CA LYS A 58 -6.47 -10.78 -9.54
C LYS A 58 -6.13 -9.29 -9.64
N LEU A 59 -7.13 -8.45 -9.29
CA LEU A 59 -6.97 -6.99 -9.09
C LEU A 59 -7.14 -6.65 -7.59
N LEU A 60 -6.56 -5.53 -7.17
CA LEU A 60 -6.71 -5.04 -5.80
C LEU A 60 -6.76 -3.50 -5.84
N LEU A 61 -7.97 -2.94 -5.73
CA LEU A 61 -8.18 -1.50 -5.63
C LEU A 61 -8.01 -1.11 -4.15
N THR A 62 -6.97 -0.33 -3.88
CA THR A 62 -6.65 0.20 -2.56
C THR A 62 -6.52 1.74 -2.66
N LYS A 63 -6.75 2.44 -1.54
CA LYS A 63 -6.63 3.91 -1.51
C LYS A 63 -5.18 4.31 -1.14
N MET A 1 46.51 19.46 26.45
CA MET A 1 45.65 20.28 27.36
C MET A 1 44.33 19.55 27.65
N SER A 2 43.62 20.03 28.69
CA SER A 2 42.33 19.47 29.12
C SER A 2 41.28 19.55 27.98
N ARG A 3 40.81 18.39 27.53
CA ARG A 3 39.80 18.27 26.47
C ARG A 3 38.41 18.14 27.09
N MET A 4 37.41 18.72 26.40
CA MET A 4 36.01 18.63 26.81
C MET A 4 35.50 17.20 26.55
N ASP A 5 34.65 16.68 27.45
CA ASP A 5 34.15 15.29 27.41
C ASP A 5 33.30 15.04 26.14
N ASN A 6 33.22 13.77 25.74
CA ASN A 6 32.49 13.36 24.53
C ASN A 6 30.98 13.65 24.67
N THR A 7 30.30 13.84 23.52
CA THR A 7 28.90 14.33 23.45
C THR A 7 27.89 13.22 23.84
N GLU A 8 27.83 12.94 25.17
CA GLU A 8 26.92 11.94 25.79
C GLU A 8 27.05 10.53 25.14
N LEU A 9 26.13 9.62 25.53
CA LEU A 9 25.96 8.32 24.84
C LEU A 9 25.23 8.53 23.49
N PRO A 10 25.33 7.58 22.51
CA PRO A 10 24.55 7.67 21.26
C PRO A 10 23.04 7.56 21.54
N HIS A 11 22.27 8.51 20.98
CA HIS A 11 20.80 8.52 21.13
C HIS A 11 20.18 7.31 20.35
N PRO A 12 19.10 6.67 20.89
CA PRO A 12 18.36 5.60 20.16
C PRO A 12 17.76 6.08 18.82
N LYS A 13 17.53 5.13 17.91
CA LYS A 13 16.92 5.38 16.59
C LYS A 13 15.41 5.11 16.66
N GLU A 14 14.63 5.78 15.77
CA GLU A 14 13.18 5.57 15.64
C GLU A 14 12.89 4.11 15.23
N ILE A 15 12.26 3.34 16.13
CA ILE A 15 11.85 1.97 15.84
C ILE A 15 10.41 1.98 15.28
N ASP A 16 10.28 1.81 13.96
CA ASP A 16 8.97 1.59 13.31
C ASP A 16 8.60 0.09 13.44
N ASN A 17 7.54 -0.35 12.73
CA ASN A 17 7.10 -1.76 12.77
C ASN A 17 6.97 -2.29 11.34
N GLU A 18 8.13 -2.34 10.65
CA GLU A 18 8.29 -2.84 9.27
C GLU A 18 7.37 -2.10 8.28
N THR A 19 7.86 -0.94 7.79
CA THR A 19 7.12 -0.07 6.86
C THR A 19 6.90 -0.78 5.50
N LEU A 20 5.65 -0.70 4.98
CA LEU A 20 5.26 -1.32 3.70
C LEU A 20 5.71 -0.44 2.53
N LEU A 21 5.75 -1.06 1.33
CA LEU A 21 6.21 -0.40 0.09
C LEU A 21 5.01 -0.14 -0.85
N PRO A 22 5.01 0.98 -1.64
CA PRO A 22 4.00 1.21 -2.70
C PRO A 22 4.20 0.21 -3.87
N ALA A 23 3.07 -0.21 -4.48
CA ALA A 23 3.10 -1.13 -5.64
C ALA A 23 3.76 -0.44 -6.84
N ALA A 24 3.32 0.80 -7.12
CA ALA A 24 3.88 1.64 -8.19
C ALA A 24 3.43 3.09 -8.00
N GLU A 25 4.39 4.01 -7.78
CA GLU A 25 4.14 5.46 -7.70
C GLU A 25 4.06 6.03 -9.13
N ARG A 26 2.98 5.68 -9.83
CA ARG A 26 2.74 6.08 -11.23
C ARG A 26 1.38 6.76 -11.33
N ARG A 27 1.37 8.08 -11.13
CA ARG A 27 0.13 8.89 -11.10
C ARG A 27 -0.32 9.22 -12.53
N VAL A 28 -1.15 8.33 -13.07
CA VAL A 28 -1.76 8.46 -14.40
C VAL A 28 -3.29 8.45 -14.27
N ASN A 29 -3.97 9.00 -15.27
CA ASN A 29 -5.46 9.01 -15.34
C ASN A 29 -6.00 7.56 -15.47
N SER A 30 -7.27 7.37 -15.06
CA SER A 30 -7.92 6.04 -15.00
C SER A 30 -7.91 5.26 -16.35
N GLN A 31 -7.72 5.99 -17.47
CA GLN A 31 -7.55 5.38 -18.82
C GLN A 31 -6.40 4.35 -18.84
N ALA A 32 -5.30 4.68 -18.15
CA ALA A 32 -4.11 3.81 -18.00
C ALA A 32 -4.10 3.17 -16.59
N LEU A 33 -5.30 2.74 -16.12
CA LEU A 33 -5.53 2.08 -14.79
C LEU A 33 -4.55 0.92 -14.44
N LEU A 34 -3.86 0.34 -15.43
CA LEU A 34 -2.86 -0.72 -15.20
C LEU A 34 -1.45 -0.27 -15.64
N GLY A 35 -1.40 0.56 -16.70
CA GLY A 35 -0.15 1.02 -17.29
C GLY A 35 0.63 -0.12 -17.96
N PRO A 36 2.01 -0.10 -17.93
CA PRO A 36 2.83 -1.24 -18.41
C PRO A 36 3.10 -2.30 -17.32
N ASP A 37 2.80 -1.95 -16.06
CA ASP A 37 3.13 -2.77 -14.88
C ASP A 37 1.97 -3.71 -14.51
N GLY A 38 0.74 -3.27 -14.82
CA GLY A 38 -0.48 -3.86 -14.26
C GLY A 38 -0.84 -3.25 -12.91
N LYS A 39 -0.02 -2.28 -12.47
CA LYS A 39 -0.14 -1.61 -11.17
C LYS A 39 0.31 -0.15 -11.31
N VAL A 40 -0.61 0.79 -11.02
CA VAL A 40 -0.34 2.25 -11.06
C VAL A 40 -1.25 2.97 -10.03
N ILE A 41 -1.00 4.28 -9.83
CA ILE A 41 -1.89 5.18 -9.10
C ILE A 41 -2.86 5.84 -10.10
N ILE A 42 -4.12 5.38 -10.05
CA ILE A 42 -5.24 5.90 -10.84
C ILE A 42 -5.59 7.33 -10.37
N ASP A 43 -5.82 8.20 -11.34
CA ASP A 43 -6.38 9.53 -11.12
C ASP A 43 -7.78 9.58 -11.73
N HIS A 44 -8.76 9.98 -10.91
CA HIS A 44 -10.13 10.21 -11.35
C HIS A 44 -10.87 11.02 -10.26
N ASN A 45 -11.73 11.98 -10.70
CA ASN A 45 -12.47 12.93 -9.83
C ASN A 45 -11.49 13.91 -9.11
N GLY A 46 -10.24 13.97 -9.59
CA GLY A 46 -9.15 14.72 -8.94
C GLY A 46 -8.50 13.93 -7.80
N GLN A 47 -9.06 12.75 -7.49
CA GLN A 47 -8.62 11.87 -6.40
C GLN A 47 -7.65 10.80 -6.95
N GLU A 48 -6.88 10.18 -6.06
CA GLU A 48 -5.88 9.16 -6.42
C GLU A 48 -6.12 7.87 -5.62
N TYR A 49 -5.99 6.72 -6.30
CA TYR A 49 -6.17 5.37 -5.70
C TYR A 49 -5.20 4.40 -6.39
N LEU A 50 -4.59 3.49 -5.61
CA LEU A 50 -3.66 2.47 -6.12
C LEU A 50 -4.48 1.25 -6.59
N LEU A 51 -4.33 0.85 -7.86
CA LEU A 51 -4.82 -0.44 -8.38
C LEU A 51 -3.60 -1.27 -8.77
N ARG A 52 -3.61 -2.55 -8.38
CA ARG A 52 -2.53 -3.49 -8.74
C ARG A 52 -3.10 -4.86 -9.13
N LYS A 53 -2.56 -5.44 -10.20
CA LYS A 53 -2.82 -6.84 -10.56
C LYS A 53 -1.98 -7.74 -9.66
N THR A 54 -2.63 -8.33 -8.66
CA THR A 54 -2.00 -9.33 -7.78
C THR A 54 -1.68 -10.57 -8.64
N GLN A 55 -0.51 -11.19 -8.42
CA GLN A 55 -0.03 -12.33 -9.25
C GLN A 55 -0.80 -13.64 -8.91
N ALA A 56 -1.72 -13.55 -7.95
CA ALA A 56 -2.77 -14.56 -7.70
C ALA A 56 -3.89 -14.47 -8.78
N GLY A 57 -3.75 -13.50 -9.71
CA GLY A 57 -4.63 -13.33 -10.87
C GLY A 57 -5.84 -12.46 -10.57
N LYS A 58 -5.64 -11.43 -9.73
CA LYS A 58 -6.75 -10.55 -9.24
C LYS A 58 -6.36 -9.07 -9.33
N LEU A 59 -7.36 -8.21 -9.04
CA LEU A 59 -7.21 -6.74 -8.94
C LEU A 59 -7.35 -6.30 -7.46
N LEU A 60 -6.46 -5.40 -7.02
CA LEU A 60 -6.45 -4.90 -5.63
C LEU A 60 -6.50 -3.37 -5.67
N LEU A 61 -7.71 -2.82 -5.49
CA LEU A 61 -7.93 -1.37 -5.44
C LEU A 61 -7.85 -0.96 -3.96
N THR A 62 -6.73 -0.32 -3.60
CA THR A 62 -6.49 0.24 -2.26
C THR A 62 -6.37 1.78 -2.37
N LYS A 63 -7.16 2.52 -1.58
CA LYS A 63 -7.20 4.00 -1.66
C LYS A 63 -5.88 4.63 -1.13
N MET A 1 -13.24 0.72 44.00
CA MET A 1 -11.84 0.37 43.65
C MET A 1 -11.07 1.57 43.05
N SER A 2 -11.79 2.67 42.72
CA SER A 2 -11.18 3.86 42.10
C SER A 2 -10.76 4.87 43.21
N ARG A 3 -9.47 4.85 43.55
CA ARG A 3 -8.87 5.77 44.55
C ARG A 3 -7.76 6.59 43.89
N MET A 4 -6.57 5.99 43.70
CA MET A 4 -5.48 6.64 42.95
C MET A 4 -5.65 6.30 41.45
N ASP A 5 -6.46 7.13 40.77
CA ASP A 5 -6.63 7.04 39.31
C ASP A 5 -5.44 7.74 38.64
N ASN A 6 -4.32 7.04 38.61
CA ASN A 6 -3.07 7.53 38.01
C ASN A 6 -3.08 7.26 36.49
N THR A 7 -2.32 8.07 35.75
CA THR A 7 -2.09 7.85 34.32
C THR A 7 -1.13 6.65 34.15
N GLU A 8 -1.45 5.78 33.18
CA GLU A 8 -0.64 4.61 32.83
C GLU A 8 0.78 5.06 32.40
N LEU A 9 1.78 4.24 32.75
CA LEU A 9 3.19 4.47 32.41
C LEU A 9 3.38 4.37 30.88
N PRO A 10 3.72 5.52 30.16
CA PRO A 10 3.88 5.52 28.69
C PRO A 10 4.93 4.50 28.19
N HIS A 11 4.52 3.64 27.25
CA HIS A 11 5.40 2.64 26.62
C HIS A 11 6.58 3.34 25.91
N PRO A 12 7.83 2.76 25.96
CA PRO A 12 9.00 3.32 25.23
C PRO A 12 8.72 3.39 23.70
N LYS A 13 8.60 4.63 23.18
CA LYS A 13 8.25 4.89 21.77
C LYS A 13 9.29 4.25 20.83
N GLU A 14 8.92 3.07 20.32
CA GLU A 14 9.75 2.29 19.39
C GLU A 14 9.47 2.73 17.94
N ILE A 15 10.53 2.90 17.15
CA ILE A 15 10.44 3.28 15.71
C ILE A 15 10.85 2.07 14.84
N ASP A 16 9.83 1.35 14.32
CA ASP A 16 10.07 0.19 13.45
C ASP A 16 8.80 -0.08 12.61
N ASN A 17 8.89 0.19 11.29
CA ASN A 17 7.76 0.05 10.35
C ASN A 17 7.56 -1.42 9.95
N GLU A 18 6.55 -2.06 10.54
CA GLU A 18 6.13 -3.42 10.16
C GLU A 18 4.95 -3.37 9.16
N THR A 19 4.46 -2.16 8.86
CA THR A 19 3.43 -1.91 7.84
C THR A 19 3.94 -2.28 6.43
N LEU A 20 3.03 -2.75 5.56
CA LEU A 20 3.36 -3.27 4.22
C LEU A 20 3.72 -2.11 3.25
N LEU A 21 4.54 -2.43 2.25
CA LEU A 21 5.10 -1.44 1.31
C LEU A 21 4.13 -1.20 0.12
N PRO A 22 4.00 0.10 -0.37
CA PRO A 22 3.10 0.43 -1.51
C PRO A 22 3.64 -0.13 -2.84
N ALA A 23 2.73 -0.44 -3.78
CA ALA A 23 3.07 -1.04 -5.07
C ALA A 23 3.75 -0.02 -6.02
N ALA A 24 3.22 1.21 -6.05
CA ALA A 24 3.75 2.30 -6.91
C ALA A 24 3.24 3.67 -6.41
N GLU A 25 3.91 4.74 -6.88
CA GLU A 25 3.47 6.14 -6.66
C GLU A 25 3.27 6.87 -8.01
N ARG A 26 3.01 6.08 -9.07
CA ARG A 26 2.78 6.62 -10.43
C ARG A 26 1.32 7.12 -10.59
N ARG A 27 1.11 8.43 -10.35
CA ARG A 27 -0.19 9.10 -10.60
C ARG A 27 -0.38 9.29 -12.11
N VAL A 28 -1.20 8.42 -12.70
CA VAL A 28 -1.70 8.54 -14.08
C VAL A 28 -3.23 8.52 -14.03
N ASN A 29 -3.89 9.08 -15.06
CA ASN A 29 -5.37 9.11 -15.11
C ASN A 29 -5.93 7.71 -15.43
N SER A 30 -7.26 7.57 -15.24
CA SER A 30 -8.00 6.29 -15.30
C SER A 30 -7.71 5.43 -16.56
N GLN A 31 -7.40 6.06 -17.72
CA GLN A 31 -7.14 5.32 -19.00
C GLN A 31 -5.91 4.39 -18.86
N ALA A 32 -4.94 4.81 -18.04
CA ALA A 32 -3.69 4.09 -17.80
C ALA A 32 -3.74 3.39 -16.42
N LEU A 33 -4.98 2.99 -15.99
CA LEU A 33 -5.23 2.32 -14.68
C LEU A 33 -4.29 1.12 -14.41
N LEU A 34 -3.83 0.46 -15.49
CA LEU A 34 -2.91 -0.70 -15.40
C LEU A 34 -1.74 -0.49 -16.37
N GLY A 35 -2.06 -0.58 -17.67
CA GLY A 35 -1.05 -0.55 -18.73
C GLY A 35 -0.16 -1.78 -18.71
N PRO A 36 1.12 -1.69 -19.18
CA PRO A 36 2.12 -2.79 -19.04
C PRO A 36 2.63 -2.95 -17.59
N ASP A 37 2.35 -1.93 -16.75
CA ASP A 37 2.75 -1.89 -15.33
C ASP A 37 1.90 -2.87 -14.51
N GLY A 38 0.58 -2.62 -14.53
CA GLY A 38 -0.38 -3.38 -13.74
C GLY A 38 -0.57 -2.84 -12.34
N LYS A 39 0.37 -1.99 -11.87
CA LYS A 39 0.32 -1.38 -10.53
C LYS A 39 0.70 0.12 -10.61
N VAL A 40 -0.32 0.99 -10.62
CA VAL A 40 -0.16 2.47 -10.66
C VAL A 40 -1.30 3.14 -9.86
N ILE A 41 -1.13 4.43 -9.54
CA ILE A 41 -2.16 5.25 -8.86
C ILE A 41 -3.07 5.91 -9.90
N ILE A 42 -4.36 5.56 -9.84
CA ILE A 42 -5.41 6.08 -10.73
C ILE A 42 -5.84 7.48 -10.28
N ASP A 43 -5.88 8.39 -11.26
CA ASP A 43 -6.44 9.74 -11.12
C ASP A 43 -7.81 9.76 -11.81
N HIS A 44 -8.85 10.12 -11.04
CA HIS A 44 -10.24 10.10 -11.50
C HIS A 44 -11.07 11.07 -10.65
N ASN A 45 -11.53 12.19 -11.26
CA ASN A 45 -12.29 13.27 -10.57
C ASN A 45 -11.44 13.92 -9.44
N GLY A 46 -10.11 13.89 -9.62
CA GLY A 46 -9.16 14.43 -8.63
C GLY A 46 -8.74 13.42 -7.58
N GLN A 47 -9.41 12.26 -7.56
CA GLN A 47 -9.17 11.19 -6.56
C GLN A 47 -7.95 10.36 -6.97
N GLU A 48 -7.10 10.03 -5.98
CA GLU A 48 -5.92 9.18 -6.17
C GLU A 48 -6.15 7.84 -5.45
N TYR A 49 -6.02 6.72 -6.20
CA TYR A 49 -6.17 5.36 -5.63
C TYR A 49 -5.36 4.32 -6.43
N LEU A 50 -4.49 3.58 -5.70
CA LEU A 50 -3.53 2.62 -6.27
C LEU A 50 -4.25 1.32 -6.65
N LEU A 51 -4.29 0.99 -7.94
CA LEU A 51 -4.80 -0.31 -8.43
C LEU A 51 -3.59 -1.17 -8.83
N ARG A 52 -3.59 -2.42 -8.35
CA ARG A 52 -2.48 -3.36 -8.54
C ARG A 52 -3.00 -4.74 -8.94
N LYS A 53 -2.37 -5.35 -9.97
CA LYS A 53 -2.68 -6.70 -10.42
C LYS A 53 -1.94 -7.71 -9.53
N THR A 54 -2.68 -8.34 -8.61
CA THR A 54 -2.16 -9.36 -7.70
C THR A 54 -1.70 -10.59 -8.51
N GLN A 55 -0.59 -11.23 -8.06
CA GLN A 55 0.02 -12.41 -8.72
C GLN A 55 -0.87 -13.66 -8.61
N ALA A 56 -1.91 -13.58 -7.76
CA ALA A 56 -3.00 -14.58 -7.68
C ALA A 56 -3.96 -14.46 -8.89
N GLY A 57 -3.67 -13.48 -9.80
CA GLY A 57 -4.43 -13.26 -11.02
C GLY A 57 -5.69 -12.46 -10.77
N LYS A 58 -5.57 -11.38 -9.98
CA LYS A 58 -6.75 -10.53 -9.59
C LYS A 58 -6.38 -9.04 -9.62
N LEU A 59 -7.40 -8.19 -9.38
CA LEU A 59 -7.24 -6.73 -9.19
C LEU A 59 -7.49 -6.35 -7.72
N LEU A 60 -6.62 -5.50 -7.16
CA LEU A 60 -6.72 -5.03 -5.77
C LEU A 60 -6.73 -3.49 -5.78
N LEU A 61 -7.91 -2.90 -5.51
CA LEU A 61 -8.09 -1.44 -5.48
C LEU A 61 -7.80 -0.97 -4.04
N THR A 62 -6.60 -0.43 -3.82
CA THR A 62 -6.18 0.16 -2.54
C THR A 62 -6.08 1.69 -2.68
N LYS A 63 -6.13 2.40 -1.55
CA LYS A 63 -5.94 3.86 -1.52
C LYS A 63 -4.43 4.16 -1.32
N MET A 1 -23.84 9.67 14.04
CA MET A 1 -25.18 9.09 13.87
C MET A 1 -25.42 8.06 14.99
N SER A 2 -26.14 8.47 16.05
CA SER A 2 -26.50 7.59 17.17
C SER A 2 -27.85 6.91 16.86
N ARG A 3 -27.80 5.60 16.56
CA ARG A 3 -28.99 4.78 16.24
C ARG A 3 -28.85 3.35 16.78
N MET A 4 -27.79 3.13 17.58
CA MET A 4 -27.50 1.84 18.22
C MET A 4 -27.83 1.94 19.73
N ASP A 5 -28.84 1.19 20.17
CA ASP A 5 -29.22 1.08 21.60
C ASP A 5 -28.67 -0.22 22.21
N ASN A 6 -28.09 -1.07 21.35
CA ASN A 6 -27.36 -2.26 21.77
C ASN A 6 -25.95 -1.87 22.26
N THR A 7 -25.42 -2.63 23.22
CA THR A 7 -24.08 -2.37 23.80
C THR A 7 -23.00 -2.88 22.84
N GLU A 8 -22.53 -1.98 21.95
CA GLU A 8 -21.40 -2.25 21.06
C GLU A 8 -20.11 -2.26 21.89
N LEU A 9 -19.27 -3.27 21.69
CA LEU A 9 -18.07 -3.50 22.50
C LEU A 9 -16.89 -2.69 21.93
N PRO A 10 -16.35 -1.66 22.69
CA PRO A 10 -15.20 -0.82 22.24
C PRO A 10 -13.95 -1.65 21.85
N HIS A 11 -13.47 -1.45 20.60
CA HIS A 11 -12.29 -2.17 20.08
C HIS A 11 -11.15 -1.16 19.77
N PRO A 12 -10.24 -0.85 20.77
CA PRO A 12 -9.08 0.04 20.56
C PRO A 12 -7.85 -0.72 20.02
N LYS A 13 -7.23 -0.20 18.95
CA LYS A 13 -6.05 -0.80 18.33
C LYS A 13 -5.12 0.27 17.75
N GLU A 14 -3.81 0.04 17.89
CA GLU A 14 -2.77 0.84 17.26
C GLU A 14 -2.86 0.65 15.73
N ILE A 15 -3.34 1.70 15.02
CA ILE A 15 -3.55 1.66 13.57
C ILE A 15 -2.19 1.68 12.84
N ASP A 16 -1.60 0.48 12.74
CA ASP A 16 -0.31 0.23 12.08
C ASP A 16 -0.15 -1.29 11.93
N ASN A 17 -0.25 -1.79 10.70
CA ASN A 17 -0.12 -3.23 10.40
C ASN A 17 1.14 -3.44 9.55
N GLU A 18 2.20 -2.62 9.85
CA GLU A 18 3.53 -2.61 9.16
C GLU A 18 3.40 -2.68 7.61
N THR A 19 2.31 -2.07 7.10
CA THR A 19 1.93 -2.12 5.69
C THR A 19 2.99 -1.43 4.79
N LEU A 20 3.43 -2.17 3.75
CA LEU A 20 4.49 -1.72 2.82
C LEU A 20 3.95 -0.69 1.81
N LEU A 21 4.82 -0.33 0.85
CA LEU A 21 4.53 0.65 -0.21
C LEU A 21 3.30 0.19 -1.05
N PRO A 22 2.36 1.14 -1.43
CA PRO A 22 1.10 0.83 -2.19
C PRO A 22 1.32 -0.21 -3.32
N ALA A 23 2.27 0.13 -4.18
CA ALA A 23 2.78 -0.70 -5.28
C ALA A 23 3.77 0.19 -6.02
N ALA A 24 3.24 1.30 -6.54
CA ALA A 24 4.00 2.38 -7.16
C ALA A 24 3.23 3.69 -7.03
N GLU A 25 3.95 4.81 -6.81
CA GLU A 25 3.35 6.17 -6.70
C GLU A 25 3.18 6.83 -8.08
N ARG A 26 2.96 6.02 -9.12
CA ARG A 26 2.73 6.49 -10.48
C ARG A 26 1.22 6.78 -10.69
N ARG A 27 0.82 8.05 -10.45
CA ARG A 27 -0.55 8.50 -10.69
C ARG A 27 -0.71 8.79 -12.18
N VAL A 28 -1.38 7.87 -12.87
CA VAL A 28 -1.75 8.02 -14.29
C VAL A 28 -3.26 8.18 -14.37
N ASN A 29 -3.74 8.84 -15.43
CA ASN A 29 -5.19 9.02 -15.71
C ASN A 29 -5.94 7.66 -15.67
N SER A 30 -7.22 7.70 -15.29
CA SER A 30 -8.10 6.49 -15.16
C SER A 30 -8.06 5.54 -16.39
N GLN A 31 -7.90 6.13 -17.58
CA GLN A 31 -7.79 5.39 -18.86
C GLN A 31 -6.61 4.38 -18.85
N ALA A 32 -5.53 4.73 -18.15
CA ALA A 32 -4.31 3.91 -18.02
C ALA A 32 -4.23 3.23 -16.63
N LEU A 33 -5.40 2.90 -16.05
CA LEU A 33 -5.54 2.28 -14.70
C LEU A 33 -4.58 1.07 -14.44
N LEU A 34 -4.09 0.42 -15.51
CA LEU A 34 -3.09 -0.66 -15.42
C LEU A 34 -1.88 -0.33 -16.32
N GLY A 35 -2.10 -0.36 -17.64
CA GLY A 35 -1.06 -0.10 -18.62
C GLY A 35 0.00 -1.21 -18.71
N PRO A 36 1.26 -0.88 -19.15
CA PRO A 36 2.38 -1.86 -19.21
C PRO A 36 2.88 -2.26 -17.81
N ASP A 37 2.51 -1.46 -16.79
CA ASP A 37 2.92 -1.65 -15.40
C ASP A 37 2.01 -2.68 -14.71
N GLY A 38 0.70 -2.38 -14.75
CA GLY A 38 -0.31 -3.20 -14.08
C GLY A 38 -0.49 -2.83 -12.61
N LYS A 39 0.41 -2.00 -12.07
CA LYS A 39 0.42 -1.63 -10.64
C LYS A 39 0.66 -0.11 -10.47
N VAL A 40 -0.38 0.66 -10.79
CA VAL A 40 -0.33 2.13 -10.82
C VAL A 40 -1.58 2.71 -10.15
N ILE A 41 -1.48 3.98 -9.75
CA ILE A 41 -2.55 4.70 -9.08
C ILE A 41 -3.50 5.34 -10.12
N ILE A 42 -4.78 4.96 -10.03
CA ILE A 42 -5.86 5.54 -10.85
C ILE A 42 -6.11 7.00 -10.39
N ASP A 43 -5.67 7.96 -11.19
CA ASP A 43 -5.96 9.37 -11.00
C ASP A 43 -7.28 9.69 -11.68
N HIS A 44 -8.25 10.19 -10.90
CA HIS A 44 -9.61 10.48 -11.37
C HIS A 44 -10.20 11.69 -10.63
N ASN A 45 -10.08 12.88 -11.27
CA ASN A 45 -10.63 14.16 -10.77
C ASN A 45 -10.11 14.52 -9.38
N GLY A 46 -8.80 14.36 -9.21
CA GLY A 46 -8.13 14.60 -7.93
C GLY A 46 -8.13 13.39 -6.99
N GLN A 47 -9.13 12.50 -7.15
CA GLN A 47 -9.25 11.29 -6.34
C GLN A 47 -8.35 10.20 -6.93
N GLU A 48 -7.26 9.92 -6.23
CA GLU A 48 -6.30 8.88 -6.61
C GLU A 48 -6.53 7.62 -5.75
N TYR A 49 -6.47 6.43 -6.39
CA TYR A 49 -6.60 5.12 -5.70
C TYR A 49 -5.74 4.08 -6.41
N LEU A 50 -4.87 3.40 -5.65
CA LEU A 50 -3.88 2.45 -6.20
C LEU A 50 -4.58 1.18 -6.69
N LEU A 51 -4.33 0.81 -7.96
CA LEU A 51 -4.77 -0.46 -8.54
C LEU A 51 -3.54 -1.28 -8.93
N ARG A 52 -3.39 -2.48 -8.35
CA ARG A 52 -2.25 -3.37 -8.64
C ARG A 52 -2.75 -4.76 -9.04
N LYS A 53 -2.13 -5.33 -10.09
CA LYS A 53 -2.38 -6.70 -10.52
C LYS A 53 -1.66 -7.66 -9.57
N THR A 54 -2.42 -8.22 -8.62
CA THR A 54 -1.91 -9.21 -7.67
C THR A 54 -1.50 -10.47 -8.45
N GLN A 55 -0.35 -11.04 -8.06
CA GLN A 55 0.26 -12.21 -8.71
C GLN A 55 -0.53 -13.51 -8.41
N ALA A 56 -1.53 -13.39 -7.52
CA ALA A 56 -2.56 -14.44 -7.28
C ALA A 56 -3.53 -14.55 -8.48
N GLY A 57 -3.56 -13.47 -9.31
CA GLY A 57 -4.35 -13.43 -10.54
C GLY A 57 -5.57 -12.53 -10.42
N LYS A 58 -5.42 -11.39 -9.72
CA LYS A 58 -6.54 -10.47 -9.42
C LYS A 58 -6.11 -9.00 -9.53
N LEU A 59 -7.08 -8.11 -9.35
CA LEU A 59 -6.87 -6.65 -9.18
C LEU A 59 -7.13 -6.27 -7.72
N LEU A 60 -6.26 -5.42 -7.15
CA LEU A 60 -6.39 -4.93 -5.77
C LEU A 60 -6.52 -3.40 -5.82
N LEU A 61 -7.74 -2.90 -5.61
CA LEU A 61 -8.01 -1.44 -5.53
C LEU A 61 -7.91 -1.06 -4.04
N THR A 62 -7.04 -0.07 -3.76
CA THR A 62 -6.73 0.37 -2.40
C THR A 62 -6.70 1.90 -2.37
N LYS A 63 -7.56 2.49 -1.52
CA LYS A 63 -7.65 3.95 -1.30
C LYS A 63 -6.43 4.43 -0.48
N MET A 1 7.48 18.30 54.88
CA MET A 1 6.50 18.41 53.77
C MET A 1 6.47 17.08 53.00
N SER A 2 5.67 16.12 53.51
CA SER A 2 5.60 14.75 52.97
C SER A 2 4.60 14.66 51.80
N ARG A 3 5.05 15.12 50.63
CA ARG A 3 4.34 14.95 49.35
C ARG A 3 5.20 14.05 48.47
N MET A 4 5.12 12.73 48.73
CA MET A 4 5.92 11.70 48.05
C MET A 4 5.04 10.93 47.03
N ASP A 5 5.12 11.35 45.77
CA ASP A 5 4.31 10.80 44.68
C ASP A 5 5.02 9.55 44.06
N ASN A 6 4.55 8.36 44.47
CA ASN A 6 5.05 7.07 43.96
C ASN A 6 4.74 6.93 42.46
N THR A 7 5.61 6.20 41.73
CA THR A 7 5.46 5.97 40.29
C THR A 7 6.19 4.67 39.90
N GLU A 8 5.73 4.05 38.80
CA GLU A 8 6.25 2.78 38.28
C GLU A 8 7.26 3.08 37.15
N LEU A 9 8.21 2.15 36.92
CA LEU A 9 9.31 2.35 35.95
C LEU A 9 8.81 2.17 34.49
N PRO A 10 9.48 2.82 33.48
CA PRO A 10 9.23 2.56 32.04
C PRO A 10 9.39 1.06 31.68
N HIS A 11 8.42 0.51 30.95
CA HIS A 11 8.38 -0.91 30.55
C HIS A 11 8.93 -1.09 29.11
N PRO A 12 9.34 -2.34 28.71
CA PRO A 12 9.79 -2.65 27.31
C PRO A 12 8.83 -2.12 26.21
N LYS A 13 9.38 -1.73 25.06
CA LYS A 13 8.61 -1.11 23.96
C LYS A 13 7.74 -2.13 23.20
N GLU A 14 6.72 -1.62 22.49
CA GLU A 14 5.81 -2.45 21.66
C GLU A 14 6.49 -2.77 20.30
N ILE A 15 6.28 -4.01 19.81
CA ILE A 15 6.78 -4.46 18.50
C ILE A 15 5.61 -5.06 17.69
N ASP A 16 5.04 -4.26 16.77
CA ASP A 16 3.96 -4.71 15.85
C ASP A 16 4.32 -4.29 14.42
N ASN A 17 5.34 -4.94 13.86
CA ASN A 17 5.87 -4.64 12.52
C ASN A 17 5.16 -5.53 11.47
N GLU A 18 4.13 -4.96 10.82
CA GLU A 18 3.40 -5.60 9.68
C GLU A 18 3.12 -4.56 8.58
N THR A 19 3.83 -3.42 8.64
CA THR A 19 3.63 -2.30 7.73
C THR A 19 4.27 -2.59 6.35
N LEU A 20 3.40 -2.98 5.39
CA LEU A 20 3.80 -3.24 3.99
C LEU A 20 3.64 -1.97 3.15
N LEU A 21 4.30 -1.95 1.98
CA LEU A 21 4.34 -0.80 1.08
C LEU A 21 3.45 -1.06 -0.17
N PRO A 22 2.68 -0.03 -0.67
CA PRO A 22 1.87 -0.15 -1.93
C PRO A 22 2.74 -0.44 -3.16
N ALA A 23 2.09 -0.95 -4.23
CA ALA A 23 2.77 -1.44 -5.46
C ALA A 23 3.66 -0.35 -6.11
N ALA A 24 3.06 0.80 -6.46
CA ALA A 24 3.78 1.94 -7.08
C ALA A 24 2.93 3.22 -7.04
N GLU A 25 3.39 4.25 -6.28
CA GLU A 25 2.73 5.56 -6.25
C GLU A 25 3.04 6.33 -7.56
N ARG A 26 2.05 6.29 -8.47
CA ARG A 26 2.17 6.85 -9.83
C ARG A 26 0.78 7.29 -10.30
N ARG A 27 0.45 8.57 -10.04
CA ARG A 27 -0.87 9.15 -10.35
C ARG A 27 -0.96 9.44 -11.86
N VAL A 28 -1.37 8.42 -12.60
CA VAL A 28 -1.68 8.50 -14.04
C VAL A 28 -3.20 8.56 -14.19
N ASN A 29 -3.66 8.91 -15.40
CA ASN A 29 -5.11 8.93 -15.75
C ASN A 29 -5.78 7.58 -15.45
N SER A 30 -7.08 7.61 -15.10
CA SER A 30 -7.90 6.39 -14.90
C SER A 30 -7.94 5.52 -16.17
N GLN A 31 -7.75 6.16 -17.34
CA GLN A 31 -7.61 5.46 -18.64
C GLN A 31 -6.37 4.52 -18.63
N ALA A 32 -5.32 4.97 -17.93
CA ALA A 32 -4.07 4.22 -17.73
C ALA A 32 -4.05 3.54 -16.34
N LEU A 33 -5.27 3.17 -15.82
CA LEU A 33 -5.46 2.52 -14.48
C LEU A 33 -4.50 1.34 -14.19
N LEU A 34 -4.05 0.66 -15.25
CA LEU A 34 -3.05 -0.43 -15.17
C LEU A 34 -1.85 -0.06 -16.03
N GLY A 35 -2.11 0.19 -17.31
CA GLY A 35 -1.06 0.45 -18.29
C GLY A 35 -0.25 -0.81 -18.62
N PRO A 36 1.06 -0.66 -19.02
CA PRO A 36 1.96 -1.82 -19.20
C PRO A 36 2.53 -2.35 -17.86
N ASP A 37 2.35 -1.58 -16.79
CA ASP A 37 2.87 -1.90 -15.44
C ASP A 37 1.90 -2.84 -14.71
N GLY A 38 0.60 -2.52 -14.82
CA GLY A 38 -0.46 -3.27 -14.16
C GLY A 38 -0.61 -2.93 -12.67
N LYS A 39 0.15 -1.95 -12.18
CA LYS A 39 0.21 -1.62 -10.74
C LYS A 39 0.55 -0.14 -10.53
N VAL A 40 -0.44 0.72 -10.78
CA VAL A 40 -0.27 2.19 -10.73
C VAL A 40 -1.51 2.85 -10.11
N ILE A 41 -1.40 4.15 -9.81
CA ILE A 41 -2.47 4.92 -9.19
C ILE A 41 -3.38 5.59 -10.26
N ILE A 42 -4.67 5.29 -10.16
CA ILE A 42 -5.77 5.97 -10.89
C ILE A 42 -5.83 7.44 -10.47
N ASP A 43 -5.96 8.33 -11.46
CA ASP A 43 -6.39 9.72 -11.24
C ASP A 43 -7.75 9.88 -11.92
N HIS A 44 -8.76 10.15 -11.11
CA HIS A 44 -10.14 10.37 -11.58
C HIS A 44 -10.62 11.69 -10.99
N ASN A 45 -10.32 12.80 -11.70
CA ASN A 45 -10.65 14.19 -11.30
C ASN A 45 -9.84 14.60 -10.03
N GLY A 46 -8.70 13.92 -9.79
CA GLY A 46 -7.87 14.14 -8.59
C GLY A 46 -8.10 13.09 -7.50
N GLN A 47 -9.06 12.17 -7.73
CA GLN A 47 -9.31 11.02 -6.84
C GLN A 47 -8.32 9.91 -7.17
N GLU A 48 -7.34 9.70 -6.27
CA GLU A 48 -6.23 8.76 -6.50
C GLU A 48 -6.50 7.41 -5.81
N TYR A 49 -6.25 6.28 -6.54
CA TYR A 49 -6.37 4.89 -5.98
C TYR A 49 -5.30 3.98 -6.61
N LEU A 50 -4.47 3.30 -5.80
CA LEU A 50 -3.47 2.34 -6.31
C LEU A 50 -4.15 1.00 -6.68
N LEU A 51 -4.35 0.77 -7.98
CA LEU A 51 -4.87 -0.52 -8.50
C LEU A 51 -3.67 -1.35 -8.96
N ARG A 52 -3.64 -2.64 -8.54
CA ARG A 52 -2.52 -3.53 -8.80
C ARG A 52 -3.01 -4.93 -9.19
N LYS A 53 -2.36 -5.53 -10.21
CA LYS A 53 -2.60 -6.91 -10.65
C LYS A 53 -1.84 -7.85 -9.72
N THR A 54 -2.56 -8.41 -8.75
CA THR A 54 -1.98 -9.30 -7.74
C THR A 54 -1.52 -10.61 -8.41
N GLN A 55 -0.39 -11.15 -7.92
CA GLN A 55 0.23 -12.41 -8.43
C GLN A 55 -0.68 -13.63 -8.18
N ALA A 56 -1.68 -13.47 -7.28
CA ALA A 56 -2.75 -14.46 -7.04
C ALA A 56 -3.72 -14.60 -8.26
N GLY A 57 -3.54 -13.70 -9.26
CA GLY A 57 -4.35 -13.67 -10.48
C GLY A 57 -5.59 -12.83 -10.31
N LYS A 58 -5.44 -11.66 -9.66
CA LYS A 58 -6.59 -10.78 -9.28
C LYS A 58 -6.23 -9.30 -9.48
N LEU A 59 -7.21 -8.42 -9.21
CA LEU A 59 -7.02 -6.94 -9.11
C LEU A 59 -7.28 -6.50 -7.67
N LEU A 60 -6.51 -5.50 -7.19
CA LEU A 60 -6.61 -5.00 -5.81
C LEU A 60 -6.65 -3.46 -5.86
N LEU A 61 -7.84 -2.89 -5.63
CA LEU A 61 -8.06 -1.43 -5.60
C LEU A 61 -7.84 -0.97 -4.15
N THR A 62 -6.67 -0.37 -3.90
CA THR A 62 -6.24 0.06 -2.56
C THR A 62 -5.78 1.52 -2.61
N LYS A 63 -6.39 2.37 -1.80
CA LYS A 63 -5.93 3.72 -1.55
C LYS A 63 -5.18 3.71 -0.18
N MET A 1 18.70 37.84 27.92
CA MET A 1 18.68 37.49 29.35
C MET A 1 17.69 38.40 30.11
N SER A 2 16.82 37.78 30.93
CA SER A 2 15.90 38.49 31.83
C SER A 2 15.35 37.47 32.88
N ARG A 3 14.58 36.47 32.39
CA ARG A 3 14.00 35.40 33.23
C ARG A 3 14.87 34.14 33.16
N MET A 4 14.84 33.46 31.99
CA MET A 4 15.52 32.17 31.74
C MET A 4 16.17 32.18 30.34
N ASP A 5 17.08 31.23 30.10
CA ASP A 5 17.70 31.04 28.78
C ASP A 5 16.73 30.29 27.86
N ASN A 6 16.61 30.77 26.60
CA ASN A 6 15.64 30.24 25.63
C ASN A 6 16.17 28.94 24.98
N THR A 7 15.78 27.80 25.56
CA THR A 7 16.20 26.47 25.08
C THR A 7 15.25 25.40 25.62
N GLU A 8 15.13 24.29 24.88
CA GLU A 8 14.30 23.11 25.25
C GLU A 8 15.10 21.83 24.97
N LEU A 9 14.79 20.76 25.72
CA LEU A 9 15.45 19.45 25.54
C LEU A 9 14.96 18.80 24.22
N PRO A 10 15.90 18.41 23.29
CA PRO A 10 15.51 17.87 21.96
C PRO A 10 14.86 16.48 22.04
N HIS A 11 13.90 16.22 21.14
CA HIS A 11 13.19 14.93 21.05
C HIS A 11 14.12 13.88 20.38
N PRO A 12 14.46 12.75 21.07
CA PRO A 12 15.32 11.69 20.49
C PRO A 12 14.59 10.92 19.36
N LYS A 13 15.33 10.63 18.27
CA LYS A 13 14.79 9.91 17.10
C LYS A 13 14.47 8.45 17.47
N GLU A 14 13.19 8.06 17.32
CA GLU A 14 12.78 6.66 17.42
C GLU A 14 12.99 5.99 16.04
N ILE A 15 13.61 4.81 16.01
CA ILE A 15 13.85 4.05 14.77
C ILE A 15 12.55 3.31 14.37
N ASP A 16 12.06 3.63 13.17
CA ASP A 16 10.89 2.97 12.56
C ASP A 16 11.22 2.64 11.10
N ASN A 17 11.68 1.40 10.87
CA ASN A 17 12.01 0.90 9.52
C ASN A 17 10.72 0.54 8.74
N GLU A 18 9.57 0.57 9.44
CA GLU A 18 8.24 0.26 8.89
C GLU A 18 7.84 1.30 7.83
N THR A 19 7.36 0.82 6.68
CA THR A 19 6.96 1.67 5.55
C THR A 19 5.69 1.12 4.91
N LEU A 20 4.98 1.96 4.15
CA LEU A 20 3.76 1.55 3.44
C LEU A 20 4.14 0.92 2.09
N LEU A 21 3.33 -0.04 1.64
CA LEU A 21 3.53 -0.77 0.37
C LEU A 21 2.24 -0.66 -0.48
N PRO A 22 2.08 0.43 -1.30
CA PRO A 22 0.99 0.50 -2.30
C PRO A 22 1.17 -0.59 -3.39
N ALA A 23 2.23 -0.39 -4.22
CA ALA A 23 2.64 -1.28 -5.34
C ALA A 23 3.66 -0.50 -6.17
N ALA A 24 3.20 0.66 -6.66
CA ALA A 24 4.02 1.62 -7.40
C ALA A 24 3.28 2.98 -7.41
N GLU A 25 3.91 4.02 -6.82
CA GLU A 25 3.39 5.39 -6.85
C GLU A 25 3.54 5.97 -8.27
N ARG A 26 2.50 5.78 -9.08
CA ARG A 26 2.45 6.20 -10.48
C ARG A 26 1.05 6.78 -10.78
N ARG A 27 0.83 8.07 -10.46
CA ARG A 27 -0.47 8.74 -10.65
C ARG A 27 -0.70 9.06 -12.14
N VAL A 28 -1.24 8.07 -12.85
CA VAL A 28 -1.66 8.19 -14.25
C VAL A 28 -3.18 8.14 -14.31
N ASN A 29 -3.77 8.84 -15.29
CA ASN A 29 -5.24 8.96 -15.47
C ASN A 29 -5.96 7.58 -15.48
N SER A 30 -7.28 7.60 -15.18
CA SER A 30 -8.13 6.38 -15.15
C SER A 30 -8.09 5.56 -16.47
N GLN A 31 -7.82 6.23 -17.61
CA GLN A 31 -7.66 5.55 -18.92
C GLN A 31 -6.46 4.58 -18.90
N ALA A 32 -5.40 4.97 -18.14
CA ALA A 32 -4.19 4.17 -17.92
C ALA A 32 -4.24 3.48 -16.53
N LEU A 33 -5.46 3.06 -16.11
CA LEU A 33 -5.73 2.37 -14.80
C LEU A 33 -4.77 1.20 -14.45
N LEU A 34 -4.11 0.62 -15.46
CA LEU A 34 -3.05 -0.40 -15.25
C LEU A 34 -1.81 -0.02 -16.07
N GLY A 35 -2.06 0.39 -17.32
CA GLY A 35 -1.00 0.70 -18.27
C GLY A 35 -0.21 -0.55 -18.71
N PRO A 36 1.04 -0.39 -19.22
CA PRO A 36 1.97 -1.54 -19.44
C PRO A 36 2.63 -2.02 -18.12
N ASP A 37 2.53 -1.18 -17.07
CA ASP A 37 3.20 -1.42 -15.77
C ASP A 37 2.42 -2.44 -14.92
N GLY A 38 1.07 -2.40 -15.02
CA GLY A 38 0.18 -3.41 -14.42
C GLY A 38 -0.19 -3.15 -12.97
N LYS A 39 0.48 -2.18 -12.30
CA LYS A 39 0.21 -1.83 -10.89
C LYS A 39 0.51 -0.33 -10.64
N VAL A 40 -0.50 0.51 -10.91
CA VAL A 40 -0.35 1.98 -10.91
C VAL A 40 -1.48 2.63 -10.10
N ILE A 41 -1.36 3.94 -9.87
CA ILE A 41 -2.36 4.73 -9.17
C ILE A 41 -3.24 5.49 -10.19
N ILE A 42 -4.56 5.25 -10.12
CA ILE A 42 -5.58 5.90 -10.95
C ILE A 42 -5.76 7.34 -10.48
N ASP A 43 -5.56 8.28 -11.40
CA ASP A 43 -5.91 9.69 -11.22
C ASP A 43 -7.32 9.90 -11.78
N HIS A 44 -8.23 10.41 -10.93
CA HIS A 44 -9.63 10.61 -11.27
C HIS A 44 -10.18 11.82 -10.49
N ASN A 45 -10.19 12.99 -11.17
CA ASN A 45 -10.81 14.25 -10.67
C ASN A 45 -10.23 14.71 -9.31
N GLY A 46 -8.93 14.41 -9.09
CA GLY A 46 -8.24 14.78 -7.86
C GLY A 46 -8.09 13.64 -6.87
N GLN A 47 -8.97 12.62 -6.98
CA GLN A 47 -8.89 11.39 -6.15
C GLN A 47 -7.90 10.42 -6.78
N GLU A 48 -7.30 9.55 -5.95
CA GLU A 48 -6.31 8.57 -6.42
C GLU A 48 -6.60 7.18 -5.83
N TYR A 49 -6.53 6.13 -6.68
CA TYR A 49 -6.79 4.73 -6.24
C TYR A 49 -5.72 3.80 -6.84
N LEU A 50 -4.87 3.21 -6.00
CA LEU A 50 -3.86 2.22 -6.44
C LEU A 50 -4.57 0.91 -6.85
N LEU A 51 -4.56 0.61 -8.15
CA LEU A 51 -5.04 -0.66 -8.71
C LEU A 51 -3.83 -1.49 -9.12
N ARG A 52 -3.66 -2.66 -8.49
CA ARG A 52 -2.52 -3.55 -8.74
C ARG A 52 -3.00 -4.95 -9.17
N LYS A 53 -2.33 -5.51 -10.18
CA LYS A 53 -2.52 -6.91 -10.58
C LYS A 53 -1.74 -7.82 -9.60
N THR A 54 -2.45 -8.39 -8.61
CA THR A 54 -1.85 -9.25 -7.58
C THR A 54 -1.38 -10.56 -8.21
N GLN A 55 -0.22 -11.08 -7.74
CA GLN A 55 0.36 -12.37 -8.19
C GLN A 55 -0.48 -13.58 -7.72
N ALA A 56 -1.46 -13.30 -6.81
CA ALA A 56 -2.52 -14.26 -6.47
C ALA A 56 -3.41 -14.58 -7.70
N GLY A 57 -3.43 -13.64 -8.67
CA GLY A 57 -4.19 -13.75 -9.91
C GLY A 57 -5.43 -12.86 -9.88
N LYS A 58 -5.28 -11.67 -9.29
CA LYS A 58 -6.42 -10.75 -9.04
C LYS A 58 -6.08 -9.30 -9.42
N LEU A 59 -7.10 -8.44 -9.30
CA LEU A 59 -6.98 -6.97 -9.25
C LEU A 59 -7.30 -6.53 -7.82
N LEU A 60 -6.58 -5.52 -7.32
CA LEU A 60 -6.73 -5.02 -5.95
C LEU A 60 -6.84 -3.49 -5.99
N LEU A 61 -8.07 -2.98 -5.85
CA LEU A 61 -8.36 -1.54 -5.81
C LEU A 61 -8.24 -1.10 -4.34
N THR A 62 -7.22 -0.27 -4.07
CA THR A 62 -6.88 0.19 -2.72
C THR A 62 -6.54 1.69 -2.78
N LYS A 63 -6.94 2.46 -1.75
CA LYS A 63 -6.72 3.93 -1.71
C LYS A 63 -6.61 4.39 -0.23
N MET A 1 -18.89 -37.58 22.16
CA MET A 1 -17.91 -38.47 22.84
C MET A 1 -16.82 -37.61 23.49
N SER A 2 -17.17 -36.97 24.64
CA SER A 2 -16.26 -36.17 25.49
C SER A 2 -15.45 -35.12 24.69
N ARG A 3 -16.10 -34.01 24.31
CA ARG A 3 -15.46 -32.92 23.55
C ARG A 3 -14.73 -31.97 24.53
N MET A 4 -15.50 -31.41 25.48
CA MET A 4 -15.03 -30.44 26.51
C MET A 4 -14.59 -29.09 25.89
N ASP A 5 -15.16 -27.99 26.41
CA ASP A 5 -14.70 -26.63 26.09
C ASP A 5 -13.44 -26.30 26.89
N ASN A 6 -12.43 -25.77 26.21
CA ASN A 6 -11.17 -25.36 26.83
C ASN A 6 -11.01 -23.83 26.69
N THR A 7 -11.09 -23.12 27.83
CA THR A 7 -10.87 -21.66 27.87
C THR A 7 -9.37 -21.37 27.58
N GLU A 8 -9.09 -20.22 26.92
CA GLU A 8 -7.77 -19.93 26.35
C GLU A 8 -7.16 -18.65 26.95
N LEU A 9 -5.82 -18.57 26.87
CA LEU A 9 -5.04 -17.37 27.24
C LEU A 9 -5.38 -16.19 26.29
N PRO A 10 -5.20 -14.89 26.75
CA PRO A 10 -5.47 -13.68 25.92
C PRO A 10 -4.72 -13.71 24.57
N HIS A 11 -5.44 -14.06 23.49
CA HIS A 11 -4.87 -14.20 22.14
C HIS A 11 -4.76 -12.82 21.45
N PRO A 12 -3.69 -12.59 20.62
CA PRO A 12 -3.61 -11.37 19.79
C PRO A 12 -4.45 -11.48 18.50
N LYS A 13 -4.69 -10.34 17.85
CA LYS A 13 -5.43 -10.26 16.58
C LYS A 13 -5.00 -8.99 15.83
N GLU A 14 -4.21 -9.19 14.75
CA GLU A 14 -3.69 -8.13 13.86
C GLU A 14 -2.68 -7.23 14.61
N ILE A 15 -1.39 -7.49 14.37
CA ILE A 15 -0.28 -6.83 15.10
C ILE A 15 0.06 -5.45 14.48
N ASP A 16 -0.03 -4.39 15.33
CA ASP A 16 0.49 -3.03 15.04
C ASP A 16 -0.37 -2.23 14.02
N ASN A 17 -0.33 -0.90 14.13
CA ASN A 17 -1.15 0.03 13.31
C ASN A 17 -0.37 0.57 12.10
N GLU A 18 0.65 -0.17 11.66
CA GLU A 18 1.47 0.20 10.47
C GLU A 18 0.61 0.36 9.20
N THR A 19 0.89 1.42 8.43
CA THR A 19 0.24 1.67 7.14
C THR A 19 1.33 1.63 6.05
N LEU A 20 1.36 0.52 5.29
CA LEU A 20 2.34 0.35 4.20
C LEU A 20 1.93 1.17 2.97
N LEU A 21 2.92 1.45 2.13
CA LEU A 21 2.75 2.29 0.92
C LEU A 21 2.06 1.49 -0.20
N PRO A 22 1.30 2.19 -1.12
CA PRO A 22 0.77 1.58 -2.35
C PRO A 22 1.87 0.97 -3.25
N ALA A 23 1.49 -0.02 -4.11
CA ALA A 23 2.43 -0.77 -4.99
C ALA A 23 3.23 0.15 -5.94
N ALA A 24 2.70 1.36 -6.17
CA ALA A 24 3.40 2.45 -6.88
C ALA A 24 2.82 3.81 -6.42
N GLU A 25 3.56 4.91 -6.65
CA GLU A 25 3.00 6.28 -6.48
C GLU A 25 2.87 6.95 -7.87
N ARG A 26 2.66 6.12 -8.90
CA ARG A 26 2.48 6.57 -10.28
C ARG A 26 1.02 7.02 -10.51
N ARG A 27 0.74 8.31 -10.19
CA ARG A 27 -0.60 8.90 -10.40
C ARG A 27 -0.82 9.23 -11.89
N VAL A 28 -1.30 8.23 -12.63
CA VAL A 28 -1.71 8.39 -14.04
C VAL A 28 -3.23 8.48 -14.10
N ASN A 29 -3.75 9.12 -15.14
CA ASN A 29 -5.21 9.21 -15.40
C ASN A 29 -5.80 7.79 -15.54
N SER A 30 -7.09 7.63 -15.17
CA SER A 30 -7.80 6.31 -15.15
C SER A 30 -7.68 5.50 -16.47
N GLN A 31 -7.45 6.21 -17.60
CA GLN A 31 -7.25 5.60 -18.93
C GLN A 31 -6.09 4.58 -18.90
N ALA A 32 -5.02 4.91 -18.17
CA ALA A 32 -3.83 4.06 -18.00
C ALA A 32 -3.84 3.35 -16.64
N LEU A 33 -5.06 2.96 -16.19
CA LEU A 33 -5.33 2.30 -14.87
C LEU A 33 -4.36 1.15 -14.50
N LEU A 34 -3.77 0.48 -15.50
CA LEU A 34 -2.79 -0.59 -15.28
C LEU A 34 -1.51 -0.31 -16.08
N GLY A 35 -1.68 -0.10 -17.40
CA GLY A 35 -0.55 0.08 -18.32
C GLY A 35 0.27 -1.19 -18.52
N PRO A 36 1.56 -1.09 -18.96
CA PRO A 36 2.47 -2.27 -19.02
C PRO A 36 3.04 -2.64 -17.62
N ASP A 37 2.77 -1.78 -16.65
CA ASP A 37 3.20 -1.92 -15.25
C ASP A 37 2.30 -2.92 -14.52
N GLY A 38 0.98 -2.70 -14.65
CA GLY A 38 -0.04 -3.54 -14.02
C GLY A 38 -0.41 -3.10 -12.60
N LYS A 39 0.39 -2.19 -12.00
CA LYS A 39 0.18 -1.71 -10.62
C LYS A 39 0.51 -0.22 -10.51
N VAL A 40 -0.50 0.64 -10.76
CA VAL A 40 -0.34 2.12 -10.79
C VAL A 40 -1.54 2.81 -10.13
N ILE A 41 -1.38 4.10 -9.76
CA ILE A 41 -2.44 4.88 -9.10
C ILE A 41 -3.34 5.55 -10.14
N ILE A 42 -4.65 5.28 -10.00
CA ILE A 42 -5.71 5.82 -10.84
C ILE A 42 -6.06 7.23 -10.36
N ASP A 43 -5.90 8.21 -11.24
CA ASP A 43 -6.28 9.59 -11.02
C ASP A 43 -7.58 9.85 -11.79
N HIS A 44 -8.66 10.13 -11.05
CA HIS A 44 -9.99 10.43 -11.59
C HIS A 44 -10.83 11.14 -10.51
N ASN A 45 -11.65 12.14 -10.92
CA ASN A 45 -12.50 12.99 -10.04
C ASN A 45 -11.66 13.96 -9.17
N GLY A 46 -10.36 14.09 -9.51
CA GLY A 46 -9.40 14.80 -8.66
C GLY A 46 -8.97 13.98 -7.45
N GLN A 47 -9.26 12.67 -7.50
CA GLN A 47 -8.90 11.70 -6.45
C GLN A 47 -7.84 10.75 -7.02
N GLU A 48 -7.05 10.11 -6.14
CA GLU A 48 -5.99 9.17 -6.54
C GLU A 48 -6.05 7.89 -5.67
N TYR A 49 -6.12 6.71 -6.35
CA TYR A 49 -6.30 5.40 -5.71
C TYR A 49 -5.59 4.27 -6.52
N LEU A 50 -4.75 3.50 -5.82
CA LEU A 50 -3.85 2.47 -6.42
C LEU A 50 -4.66 1.22 -6.83
N LEU A 51 -4.60 0.83 -8.10
CA LEU A 51 -5.09 -0.47 -8.56
C LEU A 51 -3.88 -1.30 -8.98
N ARG A 52 -3.79 -2.52 -8.43
CA ARG A 52 -2.67 -3.42 -8.69
C ARG A 52 -3.18 -4.80 -9.12
N LYS A 53 -2.47 -5.41 -10.06
CA LYS A 53 -2.68 -6.80 -10.46
C LYS A 53 -1.93 -7.71 -9.49
N THR A 54 -2.68 -8.36 -8.60
CA THR A 54 -2.13 -9.38 -7.70
C THR A 54 -1.80 -10.62 -8.54
N GLN A 55 -0.60 -11.20 -8.33
CA GLN A 55 -0.08 -12.34 -9.13
C GLN A 55 -0.81 -13.66 -8.81
N ALA A 56 -1.77 -13.58 -7.86
CA ALA A 56 -2.75 -14.65 -7.60
C ALA A 56 -3.81 -14.72 -8.74
N GLY A 57 -3.83 -13.66 -9.57
CA GLY A 57 -4.70 -13.58 -10.74
C GLY A 57 -5.91 -12.71 -10.50
N LYS A 58 -5.74 -11.63 -9.71
CA LYS A 58 -6.84 -10.76 -9.27
C LYS A 58 -6.42 -9.27 -9.31
N LEU A 59 -7.40 -8.40 -9.06
CA LEU A 59 -7.20 -6.94 -8.93
C LEU A 59 -7.45 -6.53 -7.48
N LEU A 60 -6.68 -5.54 -7.01
CA LEU A 60 -6.74 -5.06 -5.61
C LEU A 60 -6.79 -3.52 -5.64
N LEU A 61 -7.93 -2.95 -5.19
CA LEU A 61 -8.11 -1.50 -5.11
C LEU A 61 -7.68 -1.04 -3.69
N THR A 62 -6.76 -0.09 -3.67
CA THR A 62 -6.18 0.53 -2.48
C THR A 62 -5.96 2.01 -2.82
N LYS A 63 -5.26 2.78 -1.97
CA LYS A 63 -4.93 4.20 -2.28
C LYS A 63 -3.47 4.52 -1.87
N MET A 1 -27.24 4.39 44.75
CA MET A 1 -26.43 5.25 43.86
C MET A 1 -25.33 4.40 43.18
N SER A 2 -24.56 3.65 44.01
CA SER A 2 -23.46 2.81 43.51
C SER A 2 -24.01 1.61 42.69
N ARG A 3 -24.74 0.70 43.39
CA ARG A 3 -25.33 -0.54 42.82
C ARG A 3 -24.18 -1.45 42.30
N MET A 4 -23.66 -1.16 41.09
CA MET A 4 -22.45 -1.78 40.52
C MET A 4 -21.66 -0.65 39.82
N ASP A 5 -20.52 -0.24 40.43
CA ASP A 5 -19.68 0.85 39.92
C ASP A 5 -19.14 0.57 38.49
N ASN A 6 -18.45 -0.57 38.36
CA ASN A 6 -17.82 -1.05 37.10
C ASN A 6 -16.66 -0.13 36.62
N THR A 7 -15.55 -0.76 36.20
CA THR A 7 -14.38 -0.05 35.65
C THR A 7 -13.79 -0.86 34.48
N GLU A 8 -13.16 -0.15 33.53
CA GLU A 8 -12.56 -0.75 32.32
C GLU A 8 -11.03 -0.68 32.41
N LEU A 9 -10.36 -1.76 31.98
CA LEU A 9 -8.89 -1.86 32.00
C LEU A 9 -8.29 -1.14 30.77
N PRO A 10 -7.29 -0.20 30.97
CA PRO A 10 -6.62 0.51 29.84
C PRO A 10 -5.93 -0.46 28.85
N HIS A 11 -5.85 -0.04 27.58
CA HIS A 11 -5.27 -0.87 26.49
C HIS A 11 -3.74 -0.67 26.42
N PRO A 12 -2.96 -1.72 26.01
CA PRO A 12 -1.52 -1.58 25.70
C PRO A 12 -1.27 -0.76 24.41
N LYS A 13 0.01 -0.57 24.07
CA LYS A 13 0.44 0.23 22.90
C LYS A 13 -0.07 -0.37 21.58
N GLU A 14 -0.47 0.52 20.65
CA GLU A 14 -0.97 0.14 19.32
C GLU A 14 0.14 -0.56 18.49
N ILE A 15 -0.16 -1.76 17.98
CA ILE A 15 0.79 -2.59 17.21
C ILE A 15 0.30 -2.72 15.75
N ASP A 16 1.02 -2.04 14.85
CA ASP A 16 0.84 -2.18 13.40
C ASP A 16 1.60 -3.42 12.91
N ASN A 17 1.08 -4.08 11.86
CA ASN A 17 1.71 -5.28 11.25
C ASN A 17 2.65 -4.88 10.07
N GLU A 18 3.30 -3.69 10.24
CA GLU A 18 4.32 -3.13 9.34
C GLU A 18 3.76 -2.81 7.94
N THR A 19 3.41 -1.53 7.69
CA THR A 19 2.97 -1.07 6.37
C THR A 19 4.16 -1.07 5.38
N LEU A 20 3.98 -1.76 4.26
CA LEU A 20 4.98 -1.84 3.19
C LEU A 20 4.73 -0.73 2.15
N LEU A 21 5.67 -0.60 1.20
CA LEU A 21 5.63 0.44 0.15
C LEU A 21 4.51 0.17 -0.89
N PRO A 22 3.96 1.23 -1.57
CA PRO A 22 2.99 1.06 -2.71
C PRO A 22 3.52 0.11 -3.81
N ALA A 23 2.58 -0.57 -4.51
CA ALA A 23 2.92 -1.54 -5.59
C ALA A 23 3.75 -0.86 -6.71
N ALA A 24 3.32 0.35 -7.10
CA ALA A 24 4.06 1.21 -8.03
C ALA A 24 3.50 2.63 -7.96
N GLU A 25 4.36 3.59 -7.56
CA GLU A 25 4.02 5.01 -7.49
C GLU A 25 4.05 5.62 -8.92
N ARG A 26 2.92 5.50 -9.63
CA ARG A 26 2.78 6.00 -11.00
C ARG A 26 1.42 6.68 -11.17
N ARG A 27 1.39 8.00 -10.91
CA ARG A 27 0.17 8.82 -11.02
C ARG A 27 -0.18 9.09 -12.50
N VAL A 28 -0.98 8.17 -13.06
CA VAL A 28 -1.57 8.27 -14.40
C VAL A 28 -3.09 8.42 -14.26
N ASN A 29 -3.75 8.91 -15.33
CA ASN A 29 -5.22 9.02 -15.39
C ASN A 29 -5.86 7.61 -15.50
N SER A 30 -7.17 7.50 -15.16
CA SER A 30 -7.96 6.23 -15.22
C SER A 30 -7.83 5.46 -16.56
N GLN A 31 -7.56 6.22 -17.65
CA GLN A 31 -7.37 5.64 -19.02
C GLN A 31 -6.23 4.60 -19.04
N ALA A 32 -5.20 4.85 -18.22
CA ALA A 32 -4.05 3.96 -18.04
C ALA A 32 -4.09 3.28 -16.65
N LEU A 33 -5.32 2.87 -16.23
CA LEU A 33 -5.58 2.22 -14.90
C LEU A 33 -4.65 1.03 -14.56
N LEU A 34 -4.01 0.43 -15.57
CA LEU A 34 -2.97 -0.62 -15.37
C LEU A 34 -1.75 -0.30 -16.23
N GLY A 35 -2.01 -0.12 -17.54
CA GLY A 35 -0.97 0.23 -18.50
C GLY A 35 0.06 -0.88 -18.71
N PRO A 36 1.39 -0.54 -18.93
CA PRO A 36 2.45 -1.56 -19.09
C PRO A 36 2.93 -2.13 -17.72
N ASP A 37 2.53 -1.46 -16.64
CA ASP A 37 2.97 -1.79 -15.27
C ASP A 37 2.08 -2.88 -14.66
N GLY A 38 0.76 -2.76 -14.88
CA GLY A 38 -0.22 -3.65 -14.25
C GLY A 38 -0.50 -3.28 -12.80
N LYS A 39 0.11 -2.20 -12.32
CA LYS A 39 -0.02 -1.69 -10.97
C LYS A 39 0.41 -0.23 -10.97
N VAL A 40 -0.55 0.70 -10.79
CA VAL A 40 -0.31 2.16 -10.85
C VAL A 40 -1.27 2.91 -9.91
N ILE A 41 -1.06 4.23 -9.80
CA ILE A 41 -1.95 5.16 -9.10
C ILE A 41 -2.88 5.87 -10.13
N ILE A 42 -4.16 5.50 -10.10
CA ILE A 42 -5.22 6.08 -10.92
C ILE A 42 -5.56 7.51 -10.46
N ASP A 43 -5.69 8.43 -11.41
CA ASP A 43 -6.21 9.78 -11.20
C ASP A 43 -7.65 9.81 -11.73
N HIS A 44 -8.60 10.14 -10.82
CA HIS A 44 -10.05 10.16 -11.13
C HIS A 44 -10.80 11.01 -10.10
N ASN A 45 -11.39 12.14 -10.57
CA ASN A 45 -12.15 13.12 -9.74
C ASN A 45 -11.24 13.78 -8.69
N GLY A 46 -9.94 13.87 -9.02
CA GLY A 46 -8.91 14.39 -8.10
C GLY A 46 -8.44 13.39 -7.07
N GLN A 47 -9.11 12.23 -7.02
CA GLN A 47 -8.83 11.16 -6.05
C GLN A 47 -7.85 10.17 -6.68
N GLU A 48 -6.87 9.72 -5.89
CA GLU A 48 -5.83 8.80 -6.36
C GLU A 48 -6.05 7.41 -5.74
N TYR A 49 -6.04 6.35 -6.57
CA TYR A 49 -6.24 4.95 -6.11
C TYR A 49 -5.10 4.07 -6.62
N LEU A 50 -4.42 3.36 -5.72
CA LEU A 50 -3.43 2.33 -6.09
C LEU A 50 -4.20 1.06 -6.54
N LEU A 51 -4.33 0.86 -7.86
CA LEU A 51 -4.88 -0.39 -8.44
C LEU A 51 -3.72 -1.27 -8.85
N ARG A 52 -3.70 -2.50 -8.34
CA ARG A 52 -2.62 -3.44 -8.60
C ARG A 52 -3.20 -4.79 -9.02
N LYS A 53 -2.55 -5.43 -10.00
CA LYS A 53 -2.77 -6.82 -10.33
C LYS A 53 -2.07 -7.67 -9.27
N THR A 54 -2.86 -8.37 -8.44
CA THR A 54 -2.33 -9.23 -7.40
C THR A 54 -1.67 -10.44 -8.06
N GLN A 55 -0.59 -10.95 -7.45
CA GLN A 55 0.20 -12.11 -7.95
C GLN A 55 -0.60 -13.42 -7.88
N ALA A 56 -1.78 -13.37 -7.23
CA ALA A 56 -2.79 -14.45 -7.23
C ALA A 56 -3.67 -14.39 -8.53
N GLY A 57 -3.31 -13.47 -9.46
CA GLY A 57 -3.99 -13.34 -10.75
C GLY A 57 -5.29 -12.55 -10.64
N LYS A 58 -5.29 -11.48 -9.83
CA LYS A 58 -6.53 -10.68 -9.55
C LYS A 58 -6.22 -9.18 -9.66
N LEU A 59 -7.19 -8.33 -9.25
CA LEU A 59 -7.00 -6.88 -9.06
C LEU A 59 -7.16 -6.51 -7.58
N LEU A 60 -6.70 -5.30 -7.20
CA LEU A 60 -6.91 -4.75 -5.86
C LEU A 60 -6.91 -3.22 -5.94
N LEU A 61 -8.11 -2.63 -5.87
CA LEU A 61 -8.32 -1.16 -5.90
C LEU A 61 -8.30 -0.65 -4.45
N THR A 62 -7.16 -0.06 -4.05
CA THR A 62 -6.96 0.51 -2.71
C THR A 62 -6.71 2.02 -2.84
N LYS A 63 -7.03 2.79 -1.78
CA LYS A 63 -6.80 4.24 -1.73
C LYS A 63 -6.63 4.70 -0.27
N MET A 1 35.64 -21.62 21.96
CA MET A 1 34.97 -20.53 21.20
C MET A 1 33.79 -21.08 20.36
N SER A 2 33.40 -22.35 20.61
CA SER A 2 32.31 -23.03 19.88
C SER A 2 31.32 -23.65 20.88
N ARG A 3 30.16 -24.12 20.36
CA ARG A 3 29.08 -24.82 21.11
C ARG A 3 28.31 -23.88 22.08
N MET A 4 28.63 -22.57 22.04
CA MET A 4 28.11 -21.56 22.99
C MET A 4 27.33 -20.44 22.29
N ASP A 5 26.94 -20.65 21.01
CA ASP A 5 26.15 -19.68 20.23
C ASP A 5 25.30 -20.40 19.18
N ASN A 6 24.03 -19.98 19.06
CA ASN A 6 23.05 -20.56 18.10
C ASN A 6 22.80 -19.60 16.93
N THR A 7 22.13 -20.12 15.89
CA THR A 7 21.79 -19.37 14.68
C THR A 7 20.69 -18.30 14.95
N GLU A 8 20.62 -17.31 14.04
CA GLU A 8 19.62 -16.22 14.06
C GLU A 8 18.20 -16.78 13.93
N LEU A 9 17.25 -16.17 14.66
CA LEU A 9 15.81 -16.46 14.56
C LEU A 9 15.12 -15.29 13.83
N PRO A 10 14.97 -15.36 12.47
CA PRO A 10 14.38 -14.26 11.67
C PRO A 10 12.84 -14.33 11.63
N HIS A 11 12.25 -13.58 10.68
CA HIS A 11 10.79 -13.55 10.41
C HIS A 11 10.03 -12.98 11.64
N PRO A 12 9.74 -11.64 11.66
CA PRO A 12 9.02 -11.01 12.78
C PRO A 12 7.51 -11.25 12.71
N LYS A 13 6.78 -10.72 13.69
CA LYS A 13 5.31 -10.75 13.72
C LYS A 13 4.77 -9.51 12.98
N GLU A 14 3.44 -9.48 12.78
CA GLU A 14 2.75 -8.33 12.16
C GLU A 14 2.84 -7.11 13.11
N ILE A 15 3.75 -6.16 12.75
CA ILE A 15 4.16 -5.04 13.64
C ILE A 15 2.97 -4.11 13.96
N ASP A 16 2.24 -4.47 15.03
CA ASP A 16 1.00 -3.76 15.49
C ASP A 16 -0.08 -3.73 14.36
N ASN A 17 0.03 -2.77 13.43
CA ASN A 17 -0.86 -2.63 12.25
C ASN A 17 -0.15 -1.78 11.17
N GLU A 18 1.19 -1.84 11.21
CA GLU A 18 2.07 -1.06 10.32
C GLU A 18 2.51 -1.94 9.15
N THR A 19 1.99 -1.64 7.95
CA THR A 19 2.31 -2.37 6.72
C THR A 19 3.74 -1.98 6.23
N LEU A 20 4.22 -2.68 5.19
CA LEU A 20 5.57 -2.50 4.64
C LEU A 20 5.57 -1.41 3.53
N LEU A 21 6.55 -1.48 2.61
CA LEU A 21 6.69 -0.54 1.48
C LEU A 21 5.42 -0.54 0.57
N PRO A 22 5.04 0.64 -0.05
CA PRO A 22 3.88 0.73 -0.98
C PRO A 22 4.16 0.02 -2.33
N ALA A 23 3.10 -0.16 -3.13
CA ALA A 23 3.18 -0.89 -4.42
C ALA A 23 3.86 -0.02 -5.49
N ALA A 24 3.27 1.16 -5.76
CA ALA A 24 3.77 2.12 -6.77
C ALA A 24 3.14 3.50 -6.56
N GLU A 25 3.90 4.56 -6.88
CA GLU A 25 3.42 5.96 -6.86
C GLU A 25 3.39 6.52 -8.29
N ARG A 26 3.05 5.64 -9.25
CA ARG A 26 2.92 5.98 -10.67
C ARG A 26 1.53 6.58 -10.93
N ARG A 27 1.39 7.91 -10.73
CA ARG A 27 0.10 8.62 -10.95
C ARG A 27 -0.14 8.79 -12.46
N VAL A 28 -0.90 7.84 -13.01
CA VAL A 28 -1.41 7.87 -14.40
C VAL A 28 -2.91 8.14 -14.34
N ASN A 29 -3.55 8.37 -15.50
CA ASN A 29 -5.01 8.57 -15.61
C ASN A 29 -5.78 7.27 -15.32
N SER A 30 -7.09 7.41 -15.08
CA SER A 30 -8.05 6.29 -15.01
C SER A 30 -8.06 5.48 -16.34
N GLN A 31 -7.82 6.21 -17.45
CA GLN A 31 -7.66 5.63 -18.81
C GLN A 31 -6.53 4.58 -18.82
N ALA A 32 -5.50 4.82 -18.00
CA ALA A 32 -4.31 3.97 -17.88
C ALA A 32 -4.32 3.20 -16.53
N LEU A 33 -5.52 2.82 -16.05
CA LEU A 33 -5.75 2.17 -14.72
C LEU A 33 -4.78 0.99 -14.37
N LEU A 34 -4.12 0.39 -15.38
CA LEU A 34 -3.07 -0.63 -15.18
C LEU A 34 -1.84 -0.28 -16.02
N GLY A 35 -2.08 -0.15 -17.33
CA GLY A 35 -1.01 0.13 -18.31
C GLY A 35 -0.05 -1.04 -18.49
N PRO A 36 1.20 -0.80 -18.99
CA PRO A 36 2.26 -1.84 -19.07
C PRO A 36 2.92 -2.11 -17.69
N ASP A 37 2.60 -1.25 -16.71
CA ASP A 37 3.10 -1.36 -15.34
C ASP A 37 2.39 -2.50 -14.60
N GLY A 38 1.04 -2.46 -14.66
CA GLY A 38 0.18 -3.41 -13.96
C GLY A 38 -0.01 -3.06 -12.48
N LYS A 39 0.60 -1.95 -12.04
CA LYS A 39 0.54 -1.48 -10.65
C LYS A 39 0.77 0.05 -10.64
N VAL A 40 -0.32 0.81 -10.59
CA VAL A 40 -0.28 2.28 -10.72
C VAL A 40 -1.30 2.94 -9.79
N ILE A 41 -1.16 4.25 -9.63
CA ILE A 41 -2.17 5.09 -9.00
C ILE A 41 -3.03 5.78 -10.08
N ILE A 42 -4.32 5.46 -10.07
CA ILE A 42 -5.35 6.05 -10.91
C ILE A 42 -5.58 7.51 -10.53
N ASP A 43 -5.64 8.37 -11.55
CA ASP A 43 -6.05 9.77 -11.42
C ASP A 43 -7.47 9.88 -11.98
N HIS A 44 -8.45 10.19 -11.10
CA HIS A 44 -9.87 10.23 -11.47
C HIS A 44 -10.66 11.16 -10.52
N ASN A 45 -11.17 12.28 -11.12
CA ASN A 45 -12.09 13.25 -10.47
C ASN A 45 -11.44 13.87 -9.21
N GLY A 46 -10.12 14.11 -9.30
CA GLY A 46 -9.36 14.71 -8.20
C GLY A 46 -8.78 13.69 -7.23
N GLN A 47 -9.41 12.50 -7.14
CA GLN A 47 -9.00 11.44 -6.21
C GLN A 47 -8.01 10.50 -6.89
N GLU A 48 -7.19 9.81 -6.07
CA GLU A 48 -6.12 8.95 -6.55
C GLU A 48 -6.13 7.60 -5.80
N TYR A 49 -6.10 6.47 -6.55
CA TYR A 49 -6.21 5.11 -5.94
C TYR A 49 -5.15 4.17 -6.52
N LEU A 50 -4.45 3.42 -5.67
CA LEU A 50 -3.50 2.38 -6.10
C LEU A 50 -4.29 1.13 -6.54
N LEU A 51 -4.29 0.83 -7.85
CA LEU A 51 -4.82 -0.42 -8.40
C LEU A 51 -3.63 -1.26 -8.85
N ARG A 52 -3.57 -2.51 -8.37
CA ARG A 52 -2.50 -3.45 -8.73
C ARG A 52 -3.09 -4.80 -9.15
N LYS A 53 -2.43 -5.42 -10.13
CA LYS A 53 -2.69 -6.81 -10.54
C LYS A 53 -1.91 -7.72 -9.59
N THR A 54 -2.61 -8.26 -8.58
CA THR A 54 -2.04 -9.22 -7.64
C THR A 54 -1.65 -10.50 -8.41
N GLN A 55 -0.48 -11.07 -8.05
CA GLN A 55 0.11 -12.25 -8.74
C GLN A 55 -0.76 -13.53 -8.57
N ALA A 56 -1.76 -13.47 -7.64
CA ALA A 56 -2.79 -14.52 -7.49
C ALA A 56 -3.76 -14.55 -8.70
N GLY A 57 -3.69 -13.48 -9.53
CA GLY A 57 -4.50 -13.33 -10.73
C GLY A 57 -5.74 -12.48 -10.48
N LYS A 58 -5.58 -11.42 -9.66
CA LYS A 58 -6.71 -10.54 -9.23
C LYS A 58 -6.33 -9.06 -9.40
N LEU A 59 -7.36 -8.19 -9.34
CA LEU A 59 -7.18 -6.73 -9.21
C LEU A 59 -7.43 -6.31 -7.76
N LEU A 60 -6.65 -5.35 -7.25
CA LEU A 60 -6.75 -4.86 -5.87
C LEU A 60 -6.80 -3.33 -5.88
N LEU A 61 -8.00 -2.75 -5.67
CA LEU A 61 -8.23 -1.30 -5.64
C LEU A 61 -8.11 -0.84 -4.17
N THR A 62 -6.96 -0.26 -3.84
CA THR A 62 -6.66 0.29 -2.51
C THR A 62 -6.45 1.80 -2.63
N LYS A 63 -6.72 2.54 -1.54
CA LYS A 63 -6.62 4.00 -1.49
C LYS A 63 -6.20 4.43 -0.05
N MET A 1 20.70 36.37 34.83
CA MET A 1 21.21 35.13 35.47
C MET A 1 20.20 34.00 35.33
N SER A 2 20.66 32.76 35.54
CA SER A 2 19.80 31.58 35.61
C SER A 2 19.24 31.43 37.05
N ARG A 3 18.32 30.48 37.26
CA ARG A 3 17.78 30.18 38.60
C ARG A 3 17.93 28.66 38.85
N MET A 4 16.93 27.86 38.46
CA MET A 4 16.97 26.38 38.53
C MET A 4 16.34 25.80 37.26
N ASP A 5 17.16 25.21 36.37
CA ASP A 5 16.72 24.58 35.12
C ASP A 5 17.83 23.71 34.51
N ASN A 6 17.47 22.87 33.53
CA ASN A 6 18.40 21.97 32.82
C ASN A 6 17.77 21.47 31.51
N THR A 7 18.62 21.09 30.54
CA THR A 7 18.21 20.51 29.26
C THR A 7 17.51 19.15 29.46
N GLU A 8 16.17 19.16 29.31
CA GLU A 8 15.31 17.96 29.44
C GLU A 8 14.43 17.81 28.18
N LEU A 9 13.45 16.87 28.22
CA LEU A 9 12.56 16.55 27.07
C LEU A 9 13.37 15.88 25.94
N PRO A 10 13.29 14.52 25.78
CA PRO A 10 14.14 13.76 24.83
C PRO A 10 13.78 14.06 23.36
N HIS A 11 14.81 14.20 22.52
CA HIS A 11 14.65 14.40 21.07
C HIS A 11 14.28 13.06 20.41
N PRO A 12 13.24 13.02 19.50
CA PRO A 12 12.85 11.78 18.77
C PRO A 12 14.02 11.20 17.94
N LYS A 13 14.21 9.88 18.04
CA LYS A 13 15.32 9.15 17.38
C LYS A 13 14.76 8.24 16.25
N GLU A 14 13.50 8.51 15.84
CA GLU A 14 12.72 7.69 14.88
C GLU A 14 12.35 6.34 15.51
N ILE A 15 11.05 6.07 15.64
CA ILE A 15 10.51 4.82 16.22
C ILE A 15 10.44 3.76 15.09
N ASP A 16 11.64 3.32 14.64
CA ASP A 16 11.84 2.38 13.50
C ASP A 16 11.44 3.03 12.16
N ASN A 17 12.13 2.64 11.07
CA ASN A 17 11.81 3.13 9.71
C ASN A 17 10.67 2.28 9.12
N GLU A 18 9.43 2.69 9.42
CA GLU A 18 8.23 1.98 8.95
C GLU A 18 7.63 2.68 7.72
N THR A 19 7.00 1.88 6.86
CA THR A 19 6.36 2.36 5.62
C THR A 19 5.31 1.33 5.18
N LEU A 20 4.27 1.79 4.48
CA LEU A 20 3.33 0.90 3.77
C LEU A 20 3.86 0.65 2.36
N LEU A 21 3.37 -0.43 1.75
CA LEU A 21 3.77 -0.86 0.39
C LEU A 21 2.53 -0.82 -0.52
N PRO A 22 2.33 0.32 -1.29
CA PRO A 22 1.24 0.41 -2.29
C PRO A 22 1.46 -0.60 -3.45
N ALA A 23 2.40 -0.25 -4.34
CA ALA A 23 2.84 -1.08 -5.49
C ALA A 23 3.82 -0.27 -6.34
N ALA A 24 3.36 0.91 -6.78
CA ALA A 24 4.14 1.82 -7.63
C ALA A 24 3.58 3.25 -7.51
N GLU A 25 4.48 4.22 -7.25
CA GLU A 25 4.14 5.65 -7.15
C GLU A 25 4.18 6.29 -8.55
N ARG A 26 3.10 6.06 -9.32
CA ARG A 26 2.95 6.56 -10.69
C ARG A 26 1.48 6.98 -10.91
N ARG A 27 1.20 8.28 -10.75
CA ARG A 27 -0.17 8.81 -10.88
C ARG A 27 -0.47 9.12 -12.36
N VAL A 28 -1.12 8.18 -13.01
CA VAL A 28 -1.66 8.33 -14.38
C VAL A 28 -3.19 8.30 -14.31
N ASN A 29 -3.84 8.67 -15.43
CA ASN A 29 -5.32 8.66 -15.56
C ASN A 29 -5.90 7.25 -15.28
N SER A 30 -7.20 7.21 -14.95
CA SER A 30 -8.00 5.98 -14.87
C SER A 30 -7.98 5.20 -16.22
N GLN A 31 -7.78 5.93 -17.32
CA GLN A 31 -7.61 5.36 -18.67
C GLN A 31 -6.40 4.40 -18.72
N ALA A 32 -5.33 4.78 -17.98
CA ALA A 32 -4.12 3.94 -17.82
C ALA A 32 -4.07 3.33 -16.39
N LEU A 33 -5.27 2.95 -15.87
CA LEU A 33 -5.45 2.38 -14.50
C LEU A 33 -4.50 1.21 -14.14
N LEU A 34 -3.91 0.55 -15.16
CA LEU A 34 -2.94 -0.55 -14.95
C LEU A 34 -1.64 -0.26 -15.71
N GLY A 35 -1.81 0.23 -16.95
CA GLY A 35 -0.70 0.49 -17.85
C GLY A 35 0.06 -0.78 -18.27
N PRO A 36 1.35 -0.66 -18.72
CA PRO A 36 2.21 -1.84 -19.01
C PRO A 36 2.82 -2.45 -17.72
N ASP A 37 2.58 -1.77 -16.58
CA ASP A 37 3.09 -2.15 -15.25
C ASP A 37 2.15 -3.14 -14.57
N GLY A 38 0.84 -2.98 -14.84
CA GLY A 38 -0.19 -3.75 -14.15
C GLY A 38 -0.50 -3.23 -12.74
N LYS A 39 0.26 -2.22 -12.30
CA LYS A 39 0.15 -1.66 -10.94
C LYS A 39 0.62 -0.19 -10.93
N VAL A 40 -0.36 0.74 -10.84
CA VAL A 40 -0.11 2.20 -10.85
C VAL A 40 -1.18 2.93 -10.00
N ILE A 41 -0.96 4.23 -9.78
CA ILE A 41 -1.94 5.10 -9.11
C ILE A 41 -2.90 5.71 -10.16
N ILE A 42 -4.19 5.42 -9.99
CA ILE A 42 -5.30 5.99 -10.75
C ILE A 42 -5.48 7.45 -10.37
N ASP A 43 -5.71 8.30 -11.37
CA ASP A 43 -6.09 9.70 -11.20
C ASP A 43 -7.38 9.93 -12.00
N HIS A 44 -8.45 10.39 -11.33
CA HIS A 44 -9.77 10.59 -11.97
C HIS A 44 -10.62 11.59 -11.17
N ASN A 45 -10.83 12.79 -11.76
CA ASN A 45 -11.73 13.85 -11.24
C ASN A 45 -11.31 14.31 -9.82
N GLY A 46 -10.00 14.25 -9.54
CA GLY A 46 -9.45 14.67 -8.26
C GLY A 46 -9.24 13.53 -7.27
N GLN A 47 -9.92 12.40 -7.53
CA GLN A 47 -9.82 11.20 -6.68
C GLN A 47 -8.70 10.29 -7.21
N GLU A 48 -7.80 9.89 -6.32
CA GLU A 48 -6.63 9.08 -6.66
C GLU A 48 -6.60 7.81 -5.80
N TYR A 49 -6.31 6.66 -6.45
CA TYR A 49 -6.25 5.35 -5.77
C TYR A 49 -5.06 4.57 -6.33
N LEU A 50 -4.65 3.51 -5.64
CA LEU A 50 -3.66 2.54 -6.16
C LEU A 50 -4.42 1.28 -6.60
N LEU A 51 -4.21 0.83 -7.84
CA LEU A 51 -4.73 -0.46 -8.33
C LEU A 51 -3.54 -1.30 -8.76
N ARG A 52 -3.42 -2.48 -8.14
CA ARG A 52 -2.36 -3.44 -8.46
C ARG A 52 -3.00 -4.77 -8.87
N LYS A 53 -2.44 -5.40 -9.91
CA LYS A 53 -2.81 -6.75 -10.29
C LYS A 53 -2.04 -7.74 -9.41
N THR A 54 -2.78 -8.52 -8.63
CA THR A 54 -2.21 -9.54 -7.75
C THR A 54 -1.77 -10.74 -8.59
N GLN A 55 -0.69 -11.42 -8.14
CA GLN A 55 -0.08 -12.58 -8.85
C GLN A 55 -1.02 -13.80 -8.85
N ALA A 56 -2.08 -13.74 -8.03
CA ALA A 56 -3.19 -14.73 -8.05
C ALA A 56 -4.06 -14.59 -9.32
N GLY A 57 -3.78 -13.55 -10.14
CA GLY A 57 -4.49 -13.28 -11.38
C GLY A 57 -5.70 -12.41 -11.14
N LYS A 58 -5.56 -11.44 -10.22
CA LYS A 58 -6.68 -10.61 -9.73
C LYS A 58 -6.27 -9.13 -9.64
N LEU A 59 -7.12 -8.31 -9.00
CA LEU A 59 -6.88 -6.87 -8.76
C LEU A 59 -6.84 -6.60 -7.24
N LEU A 60 -6.36 -5.40 -6.84
CA LEU A 60 -6.40 -4.94 -5.44
C LEU A 60 -6.41 -3.38 -5.44
N LEU A 61 -7.60 -2.81 -5.18
CA LEU A 61 -7.82 -1.35 -5.18
C LEU A 61 -7.66 -0.83 -3.73
N THR A 62 -6.50 -0.23 -3.47
CA THR A 62 -6.12 0.28 -2.14
C THR A 62 -5.90 1.80 -2.21
N LYS A 63 -6.46 2.55 -1.25
CA LYS A 63 -6.23 4.01 -1.14
C LYS A 63 -5.93 4.36 0.33
#